data_3LKD
#
_entry.id   3LKD
#
_cell.length_a   60.866
_cell.length_b   83.128
_cell.length_c   96.678
_cell.angle_alpha   90.00
_cell.angle_beta   98.13
_cell.angle_gamma   90.00
#
_symmetry.space_group_name_H-M   'P 1 21 1'
#
loop_
_entity.id
_entity.type
_entity.pdbx_description
1 polymer 'Type I restriction-modification system methyltransferase subunit'
2 water water
#
_entity_poly.entity_id   1
_entity_poly.type   'polypeptide(L)'
_entity_poly.pdbx_seq_one_letter_code
;(MSE)SETTQTSQSLYQALWNSADVLRSK(MSE)DANDYKSYLLG(MSE)VFYKYLSDK(MSE)LFFVAET(MSE)EEET
ESLDEALAVYRKYYEDEETHEDLLAVITDE(MSE)SYAIHPDLTFTALVERVNDGSFQLEDLAQGFRDIEQSDELYENLF
EDIDLYSKKLGATPQKQNQTVAAV(MSE)KELAVLDVAGHAGD(MSE)LGDAYEYLIGQFATDSGKKAGEFYTPQPVAKL
(MSE)TQIAFLGREDKQGFTLYDAT(MSE)GSGSLLLNAKRYSRQPQTVVYFGQELNTSTYNLAR(MSE)N(MSE)ILHG
VPIENQFLHNADTLDEDWPTQEPTNFDGVL(MSE)NPPYSAKWSASSGF(MSE)DDPRFSPFGKLAPKSKADFAFLLHGY
YHLKQDNGV(MSE)AIVLPHGVLFRGNAEGTIRKALLEEGAIDTVIGLPANIFFNTSIPTTVIILKKNRTNRDVYFIDAS
KEFDKGKNQNI(MSE)TDAHIEKILNAYKSREDIDKFAHLASFEEIVENDYNLNIPRYVDTFEEEEVEPLTEIVAKINQT
NATIESQTASLLD(MSE)LGQLHGTTPEADEELKAFVKAFKGLEHHHHHH
;
_entity_poly.pdbx_strand_id   A,B
#
# COMPACT_ATOMS: atom_id res chain seq x y z
N GLN A 6 52.65 3.58 -10.25
CA GLN A 6 52.09 3.33 -11.61
C GLN A 6 50.59 3.07 -11.55
N THR A 7 50.16 2.29 -10.55
CA THR A 7 48.75 1.96 -10.38
C THR A 7 48.30 2.20 -8.94
N SER A 8 46.99 2.28 -8.74
CA SER A 8 46.44 2.48 -7.41
C SER A 8 46.91 1.35 -6.51
N GLN A 9 47.02 0.15 -7.08
CA GLN A 9 47.47 -1.03 -6.34
C GLN A 9 48.91 -0.85 -5.82
N SER A 10 49.83 -0.49 -6.71
CA SER A 10 51.22 -0.30 -6.30
C SER A 10 51.39 0.96 -5.46
N LEU A 11 50.56 1.96 -5.70
CA LEU A 11 50.63 3.19 -4.91
C LEU A 11 50.17 2.81 -3.50
N TYR A 12 49.15 1.96 -3.44
CA TYR A 12 48.64 1.48 -2.15
C TYR A 12 49.74 0.72 -1.41
N GLN A 13 50.38 -0.21 -2.12
CA GLN A 13 51.45 -1.01 -1.55
C GLN A 13 52.58 -0.16 -0.99
N ALA A 14 53.00 0.84 -1.76
CA ALA A 14 54.09 1.72 -1.35
C ALA A 14 53.71 2.55 -0.12
N LEU A 15 52.50 3.08 -0.11
CA LEU A 15 52.03 3.88 1.02
C LEU A 15 51.97 3.00 2.26
N TRP A 16 51.46 1.78 2.10
CA TRP A 16 51.38 0.84 3.22
C TRP A 16 52.78 0.50 3.75
N ASN A 17 53.68 0.16 2.84
CA ASN A 17 55.06 -0.18 3.24
C ASN A 17 55.75 0.99 3.95
N SER A 18 55.47 2.21 3.52
CA SER A 18 56.10 3.39 4.11
C SER A 18 55.93 3.48 5.63
N ALA A 19 55.02 2.71 6.20
CA ALA A 19 54.81 2.75 7.63
C ALA A 19 55.54 1.61 8.34
N ASP A 20 56.39 0.90 7.61
CA ASP A 20 57.12 -0.23 8.21
C ASP A 20 57.76 0.10 9.56
N VAL A 21 58.39 1.26 9.66
CA VAL A 21 59.03 1.63 10.92
C VAL A 21 58.01 1.74 12.05
N LEU A 22 56.73 1.78 11.69
CA LEU A 22 55.66 1.87 12.67
C LEU A 22 55.14 0.48 13.04
N ARG A 23 55.17 -0.44 12.08
CA ARG A 23 54.69 -1.81 12.31
C ARG A 23 55.50 -2.48 13.40
N SER A 24 56.74 -2.05 13.52
CA SER A 24 57.68 -2.59 14.50
C SER A 24 57.40 -2.21 15.94
N LYS A 25 56.71 -1.08 16.15
CA LYS A 25 56.46 -0.59 17.50
C LYS A 25 55.02 -0.58 17.98
N MSE A 26 54.07 -0.82 17.08
CA MSE A 26 52.67 -0.80 17.46
C MSE A 26 51.81 -1.50 16.41
O MSE A 26 52.28 -1.73 15.30
CB MSE A 26 52.21 0.66 17.61
CG MSE A 26 52.30 1.45 16.32
SE MSE A 26 52.15 3.36 16.57
CE MSE A 26 54.04 3.78 16.66
N ASP A 27 50.58 -1.86 16.76
CA ASP A 27 49.70 -2.53 15.81
C ASP A 27 48.99 -1.53 14.91
N ALA A 28 48.30 -2.03 13.90
CA ALA A 28 47.58 -1.19 12.93
C ALA A 28 46.65 -0.14 13.52
N ASN A 29 45.91 -0.49 14.56
CA ASN A 29 44.98 0.47 15.16
C ASN A 29 45.75 1.65 15.72
N ASP A 30 47.00 1.41 16.11
CA ASP A 30 47.81 2.48 16.67
C ASP A 30 48.50 3.37 15.65
N TYR A 31 49.01 2.81 14.56
CA TYR A 31 49.69 3.65 13.57
C TYR A 31 48.78 4.10 12.43
N LYS A 32 47.53 3.67 12.48
CA LYS A 32 46.54 4.04 11.48
C LYS A 32 46.45 5.56 11.26
N SER A 33 46.26 6.31 12.34
CA SER A 33 46.15 7.76 12.23
C SER A 33 47.41 8.41 11.67
N TYR A 34 48.58 7.89 12.03
CA TYR A 34 49.82 8.46 11.53
C TYR A 34 49.90 8.33 10.03
N LEU A 35 49.67 7.12 9.52
CA LEU A 35 49.75 6.89 8.09
C LEU A 35 48.70 7.67 7.30
N LEU A 36 47.43 7.46 7.62
CA LEU A 36 46.34 8.13 6.92
C LEU A 36 46.41 9.65 7.00
N GLY A 37 46.73 10.17 8.18
CA GLY A 37 46.83 11.61 8.35
C GLY A 37 48.03 12.19 7.61
N MSE A 38 49.18 11.52 7.71
CA MSE A 38 50.39 12.00 7.03
C MSE A 38 50.28 11.92 5.51
O MSE A 38 50.79 12.80 4.81
CB MSE A 38 51.62 11.24 7.54
CG MSE A 38 52.02 11.63 8.97
SE MSE A 38 53.45 10.55 9.75
CE MSE A 38 54.91 11.27 8.72
N VAL A 39 49.61 10.90 4.99
CA VAL A 39 49.43 10.79 3.55
C VAL A 39 48.49 11.93 3.13
N PHE A 40 47.51 12.22 3.97
CA PHE A 40 46.56 13.30 3.70
C PHE A 40 47.28 14.65 3.62
N TYR A 41 48.14 14.93 4.61
CA TYR A 41 48.88 16.19 4.64
C TYR A 41 49.83 16.32 3.44
N LYS A 42 50.45 15.22 3.04
CA LYS A 42 51.35 15.25 1.90
C LYS A 42 50.54 15.65 0.67
N TYR A 43 49.34 15.11 0.56
CA TYR A 43 48.48 15.43 -0.57
C TYR A 43 48.17 16.94 -0.61
N LEU A 44 47.75 17.50 0.53
CA LEU A 44 47.45 18.92 0.59
C LEU A 44 48.66 19.77 0.22
N SER A 45 49.83 19.37 0.71
CA SER A 45 51.06 20.11 0.45
C SER A 45 51.54 19.98 -1.00
N ASP A 46 51.62 18.76 -1.50
CA ASP A 46 52.05 18.55 -2.88
C ASP A 46 51.13 19.28 -3.85
N LYS A 47 49.83 19.14 -3.63
CA LYS A 47 48.82 19.76 -4.48
C LYS A 47 48.97 21.28 -4.54
N MSE A 48 49.21 21.89 -3.39
CA MSE A 48 49.37 23.33 -3.34
C MSE A 48 50.58 23.73 -4.18
O MSE A 48 50.49 24.58 -5.07
CB MSE A 48 49.56 23.80 -1.91
CG MSE A 48 49.53 25.31 -1.76
SE MSE A 48 50.05 25.91 0.00
CE MSE A 48 51.94 25.49 -0.10
N LEU A 49 51.73 23.11 -3.90
CA LEU A 49 52.94 23.43 -4.63
C LEU A 49 52.81 23.30 -6.14
N PHE A 50 52.29 22.19 -6.63
CA PHE A 50 52.10 22.04 -8.07
C PHE A 50 51.17 23.13 -8.59
N PHE A 51 50.22 23.53 -7.75
CA PHE A 51 49.28 24.57 -8.13
C PHE A 51 50.01 25.89 -8.26
N VAL A 52 50.83 26.21 -7.27
CA VAL A 52 51.58 27.47 -7.30
C VAL A 52 52.47 27.55 -8.53
N ALA A 53 53.28 26.51 -8.75
CA ALA A 53 54.18 26.48 -9.89
C ALA A 53 53.40 26.63 -11.19
N GLU A 54 52.26 25.94 -11.28
CA GLU A 54 51.43 25.98 -12.46
C GLU A 54 50.87 27.38 -12.71
N THR A 55 50.31 27.99 -11.67
CA THR A 55 49.73 29.33 -11.79
C THR A 55 50.77 30.39 -12.12
N MSE A 56 51.97 30.24 -11.58
CA MSE A 56 53.03 31.21 -11.84
C MSE A 56 53.77 30.89 -13.14
O MSE A 56 54.83 31.45 -13.42
CB MSE A 56 54.01 31.22 -10.66
CG MSE A 56 53.35 31.49 -9.32
SE MSE A 56 52.57 33.25 -9.19
CE MSE A 56 50.93 32.94 -10.16
N GLU A 57 53.19 29.99 -13.93
CA GLU A 57 53.76 29.61 -15.21
C GLU A 57 55.23 29.20 -15.16
N GLU A 58 55.54 28.31 -14.22
CA GLU A 58 56.89 27.78 -14.05
C GLU A 58 56.71 26.32 -13.62
N GLU A 59 55.92 25.61 -14.42
CA GLU A 59 55.58 24.21 -14.20
C GLU A 59 56.74 23.22 -14.17
N THR A 60 56.89 22.53 -13.04
CA THR A 60 57.93 21.52 -12.86
C THR A 60 57.37 20.48 -11.90
N GLU A 61 57.51 19.20 -12.24
CA GLU A 61 57.01 18.14 -11.37
C GLU A 61 58.02 17.85 -10.28
N SER A 62 58.96 18.75 -10.11
CA SER A 62 59.95 18.62 -9.06
C SER A 62 59.41 19.43 -7.90
N LEU A 63 58.91 18.74 -6.88
CA LEU A 63 58.35 19.43 -5.73
C LEU A 63 59.39 20.34 -5.10
N ASP A 64 60.66 19.95 -5.16
CA ASP A 64 61.73 20.77 -4.60
C ASP A 64 61.81 22.09 -5.36
N GLU A 65 61.59 22.01 -6.67
CA GLU A 65 61.62 23.19 -7.53
C GLU A 65 60.33 23.98 -7.35
N ALA A 66 59.23 23.27 -7.13
CA ALA A 66 57.95 23.93 -6.93
C ALA A 66 58.08 24.77 -5.65
N LEU A 67 58.71 24.18 -4.63
CA LEU A 67 58.90 24.87 -3.36
C LEU A 67 59.78 26.11 -3.56
N ALA A 68 60.76 26.01 -4.45
CA ALA A 68 61.63 27.15 -4.70
C ALA A 68 60.79 28.26 -5.33
N VAL A 69 59.97 27.90 -6.31
CA VAL A 69 59.09 28.86 -6.98
C VAL A 69 58.15 29.52 -5.96
N TYR A 70 57.58 28.71 -5.08
CA TYR A 70 56.67 29.20 -4.06
C TYR A 70 57.36 30.20 -3.13
N ARG A 71 58.55 29.86 -2.67
CA ARG A 71 59.30 30.74 -1.77
C ARG A 71 59.57 32.09 -2.43
N LYS A 72 60.02 32.04 -3.68
CA LYS A 72 60.34 33.23 -4.45
C LYS A 72 59.18 34.23 -4.50
N TYR A 73 58.02 33.77 -4.95
CA TYR A 73 56.85 34.63 -5.04
C TYR A 73 56.28 34.96 -3.67
N TYR A 74 56.61 34.12 -2.69
CA TYR A 74 56.12 34.30 -1.34
C TYR A 74 56.89 35.41 -0.64
N GLU A 75 58.15 35.58 -1.05
CA GLU A 75 59.06 36.57 -0.48
C GLU A 75 58.97 37.96 -1.11
N ASP A 76 58.46 38.02 -2.34
CA ASP A 76 58.34 39.30 -3.05
C ASP A 76 57.08 40.01 -2.60
N GLU A 77 57.23 41.22 -2.08
CA GLU A 77 56.08 42.02 -1.63
C GLU A 77 55.08 42.19 -2.77
N GLU A 78 55.59 42.38 -3.97
CA GLU A 78 54.75 42.57 -5.14
C GLU A 78 53.83 41.40 -5.46
N THR A 79 54.21 40.21 -5.00
CA THR A 79 53.40 39.01 -5.27
C THR A 79 52.83 38.27 -4.05
N HIS A 80 53.47 38.44 -2.89
CA HIS A 80 53.04 37.78 -1.67
C HIS A 80 51.53 37.57 -1.48
N GLU A 81 50.82 38.66 -1.23
CA GLU A 81 49.38 38.59 -1.01
C GLU A 81 48.53 38.05 -2.14
N ASP A 82 48.89 38.34 -3.39
CA ASP A 82 48.12 37.82 -4.52
C ASP A 82 48.29 36.31 -4.62
N LEU A 83 49.49 35.82 -4.31
CA LEU A 83 49.78 34.40 -4.37
C LEU A 83 48.91 33.65 -3.37
N LEU A 84 48.88 34.14 -2.14
CA LEU A 84 48.08 33.53 -1.10
C LEU A 84 46.59 33.59 -1.45
N ALA A 85 46.18 34.66 -2.11
CA ALA A 85 44.78 34.81 -2.50
C ALA A 85 44.38 33.73 -3.49
N VAL A 86 45.19 33.54 -4.51
CA VAL A 86 44.88 32.53 -5.53
C VAL A 86 44.88 31.14 -4.91
N ILE A 87 45.80 30.87 -3.99
CA ILE A 87 45.87 29.56 -3.34
C ILE A 87 44.60 29.36 -2.53
N THR A 88 44.28 30.34 -1.68
CA THR A 88 43.11 30.28 -0.83
C THR A 88 41.81 30.17 -1.62
N ASP A 89 41.68 30.92 -2.70
CA ASP A 89 40.47 30.85 -3.51
C ASP A 89 40.32 29.44 -4.07
N GLU A 90 41.45 28.86 -4.47
CA GLU A 90 41.48 27.53 -5.07
C GLU A 90 41.21 26.37 -4.11
N MSE A 91 41.83 26.39 -2.93
CA MSE A 91 41.64 25.28 -1.99
C MSE A 91 41.32 25.65 -0.54
O MSE A 91 41.25 24.78 0.33
CB MSE A 91 42.88 24.38 -2.03
CG MSE A 91 44.19 25.09 -1.79
SE MSE A 91 45.72 24.12 -2.49
CE MSE A 91 45.65 24.77 -4.31
N SER A 92 41.14 26.94 -0.28
CA SER A 92 40.80 27.43 1.06
C SER A 92 41.85 27.23 2.14
N TYR A 93 43.10 27.08 1.75
CA TYR A 93 44.18 26.93 2.72
C TYR A 93 45.48 27.31 2.06
N ALA A 94 46.43 27.72 2.88
CA ALA A 94 47.76 28.10 2.42
C ALA A 94 48.72 27.64 3.50
N ILE A 95 49.84 27.05 3.12
CA ILE A 95 50.81 26.57 4.09
C ILE A 95 52.11 27.35 3.94
N HIS A 96 52.70 27.76 5.06
CA HIS A 96 53.97 28.48 5.01
C HIS A 96 54.96 27.62 4.22
N PRO A 97 55.82 28.24 3.42
CA PRO A 97 56.78 27.44 2.64
C PRO A 97 57.57 26.47 3.52
N ASP A 98 58.10 26.96 4.64
CA ASP A 98 58.90 26.11 5.53
C ASP A 98 58.12 24.99 6.19
N LEU A 99 56.80 25.05 6.13
CA LEU A 99 56.00 24.00 6.74
C LEU A 99 55.43 23.02 5.72
N THR A 100 55.78 23.20 4.46
CA THR A 100 55.33 22.27 3.43
C THR A 100 56.01 20.91 3.66
N PHE A 101 55.33 19.83 3.30
CA PHE A 101 55.88 18.49 3.46
C PHE A 101 57.25 18.42 2.77
N THR A 102 57.36 19.08 1.62
CA THR A 102 58.61 19.07 0.86
C THR A 102 59.74 19.73 1.63
N ALA A 103 59.44 20.87 2.27
CA ALA A 103 60.45 21.59 3.03
C ALA A 103 60.87 20.80 4.27
N LEU A 104 59.91 20.17 4.93
CA LEU A 104 60.22 19.40 6.12
C LEU A 104 61.07 18.19 5.78
N VAL A 105 60.82 17.57 4.63
CA VAL A 105 61.62 16.42 4.20
C VAL A 105 63.04 16.90 3.91
N GLU A 106 63.18 18.13 3.43
CA GLU A 106 64.51 18.68 3.16
C GLU A 106 65.20 18.86 4.51
N ARG A 107 64.43 19.24 5.53
CA ARG A 107 64.99 19.41 6.86
C ARG A 107 65.48 18.03 7.32
N VAL A 108 64.63 17.03 7.15
CA VAL A 108 65.00 15.67 7.55
C VAL A 108 66.35 15.32 6.92
N ASN A 109 66.49 15.54 5.62
CA ASN A 109 67.73 15.23 4.95
C ASN A 109 68.87 16.17 5.34
N ASP A 110 68.55 17.35 5.86
CA ASP A 110 69.59 18.28 6.29
C ASP A 110 69.99 17.97 7.71
N GLY A 111 69.21 17.11 8.37
CA GLY A 111 69.49 16.75 9.74
C GLY A 111 69.02 17.83 10.70
N SER A 112 67.97 18.54 10.32
CA SER A 112 67.44 19.60 11.16
C SER A 112 65.94 19.51 11.39
N PHE A 113 65.33 18.41 10.94
CA PHE A 113 63.89 18.24 11.12
C PHE A 113 63.48 18.35 12.58
N GLN A 114 62.43 19.10 12.84
CA GLN A 114 61.90 19.31 14.18
C GLN A 114 60.45 18.87 14.14
N LEU A 115 60.11 17.91 14.98
CA LEU A 115 58.75 17.38 15.05
C LEU A 115 57.72 18.49 15.21
N GLU A 116 58.04 19.50 15.99
CA GLU A 116 57.12 20.62 16.21
C GLU A 116 56.72 21.36 14.94
N ASP A 117 57.58 21.31 13.93
CA ASP A 117 57.28 22.00 12.68
C ASP A 117 56.15 21.31 11.92
N LEU A 118 56.10 19.98 11.99
CA LEU A 118 55.03 19.24 11.32
C LEU A 118 53.72 19.56 12.06
N ALA A 119 53.80 19.62 13.38
CA ALA A 119 52.63 19.92 14.18
C ALA A 119 52.11 21.30 13.77
N GLN A 120 53.04 22.25 13.65
CA GLN A 120 52.67 23.61 13.25
C GLN A 120 52.02 23.55 11.87
N GLY A 121 52.57 22.70 11.02
CA GLY A 121 52.02 22.53 9.69
C GLY A 121 50.58 22.10 9.76
N PHE A 122 50.31 21.09 10.59
CA PHE A 122 48.95 20.59 10.76
C PHE A 122 48.05 21.75 11.19
N ARG A 123 48.53 22.53 12.15
CA ARG A 123 47.76 23.68 12.65
C ARG A 123 47.49 24.70 11.55
N ASP A 124 48.46 24.91 10.67
CA ASP A 124 48.28 25.85 9.58
C ASP A 124 47.02 25.48 8.80
N ILE A 125 46.90 24.19 8.51
CA ILE A 125 45.74 23.69 7.78
C ILE A 125 44.46 23.80 8.60
N GLU A 126 44.47 23.22 9.79
CA GLU A 126 43.30 23.23 10.67
C GLU A 126 42.71 24.61 10.91
N GLN A 127 43.58 25.61 10.99
CA GLN A 127 43.14 26.98 11.24
C GLN A 127 42.79 27.74 9.96
N SER A 128 43.04 27.12 8.81
CA SER A 128 42.76 27.76 7.52
C SER A 128 41.29 27.94 7.18
N ASP A 129 40.44 27.04 7.67
CA ASP A 129 39.02 27.10 7.40
C ASP A 129 38.33 26.07 8.29
N GLU A 130 37.09 26.33 8.68
CA GLU A 130 36.40 25.39 9.55
C GLU A 130 36.30 24.01 8.89
N LEU A 131 36.51 23.99 7.58
CA LEU A 131 36.48 22.74 6.81
C LEU A 131 37.56 21.77 7.24
N TYR A 132 38.69 22.32 7.70
CA TYR A 132 39.82 21.51 8.13
C TYR A 132 40.06 21.46 9.65
N GLU A 133 39.21 22.13 10.42
CA GLU A 133 39.39 22.19 11.88
C GLU A 133 39.36 20.86 12.62
N ASN A 134 40.38 20.63 13.44
CA ASN A 134 40.48 19.41 14.24
C ASN A 134 40.84 18.16 13.46
N LEU A 135 41.07 18.31 12.16
CA LEU A 135 41.39 17.15 11.33
C LEU A 135 42.54 16.29 11.79
N PHE A 136 43.62 16.90 12.28
CA PHE A 136 44.79 16.14 12.70
C PHE A 136 44.85 15.76 14.18
N GLU A 137 43.78 16.02 14.90
CA GLU A 137 43.71 15.73 16.33
C GLU A 137 44.02 14.30 16.77
N ASP A 138 43.75 13.31 15.91
CA ASP A 138 44.00 11.91 16.28
C ASP A 138 45.48 11.51 16.19
N ILE A 139 46.31 12.44 15.74
CA ILE A 139 47.73 12.20 15.61
C ILE A 139 48.52 12.76 16.78
N ASP A 140 49.27 11.90 17.47
CA ASP A 140 50.07 12.35 18.59
C ASP A 140 51.54 12.13 18.23
N LEU A 141 52.22 13.20 17.87
CA LEU A 141 53.61 13.13 17.46
C LEU A 141 54.61 12.91 18.59
N TYR A 142 54.14 12.96 19.83
CA TYR A 142 55.02 12.78 20.98
C TYR A 142 54.69 11.55 21.81
N SER A 143 53.87 10.64 21.29
CA SER A 143 53.51 9.44 22.03
C SER A 143 54.72 8.53 22.19
N LYS A 144 54.82 7.91 23.37
CA LYS A 144 55.94 7.02 23.66
C LYS A 144 56.03 5.86 22.66
N LYS A 145 54.93 5.55 22.01
CA LYS A 145 54.92 4.46 21.04
C LYS A 145 55.87 4.74 19.87
N LEU A 146 56.09 6.03 19.59
CA LEU A 146 56.99 6.40 18.51
C LEU A 146 58.43 6.28 19.00
N GLY A 147 58.57 6.19 20.32
CA GLY A 147 59.89 6.08 20.94
C GLY A 147 59.88 6.67 22.34
N ALA A 148 60.85 6.28 23.16
CA ALA A 148 60.94 6.77 24.52
C ALA A 148 61.46 8.20 24.59
N THR A 149 62.45 8.51 23.75
CA THR A 149 63.06 9.84 23.72
C THR A 149 62.61 10.66 22.51
N PRO A 150 62.79 11.98 22.58
CA PRO A 150 62.42 12.86 21.48
C PRO A 150 63.20 12.51 20.21
N GLN A 151 64.50 12.27 20.36
CA GLN A 151 65.34 11.91 19.21
C GLN A 151 64.80 10.65 18.56
N LYS A 152 64.24 9.77 19.40
CA LYS A 152 63.68 8.51 18.91
C LYS A 152 62.33 8.80 18.25
N GLN A 153 61.54 9.68 18.85
CA GLN A 153 60.25 10.05 18.31
C GLN A 153 60.43 10.77 16.98
N ASN A 154 61.43 11.65 16.93
CA ASN A 154 61.75 12.41 15.73
C ASN A 154 62.24 11.45 14.63
N GLN A 155 63.15 10.56 15.01
CA GLN A 155 63.71 9.61 14.06
C GLN A 155 62.63 8.75 13.40
N THR A 156 61.65 8.31 14.18
CA THR A 156 60.58 7.45 13.67
C THR A 156 59.68 8.19 12.69
N VAL A 157 59.20 9.35 13.08
CA VAL A 157 58.33 10.12 12.20
C VAL A 157 59.10 10.48 10.93
N ALA A 158 60.39 10.77 11.09
CA ALA A 158 61.23 11.14 9.97
C ALA A 158 61.36 10.01 8.95
N ALA A 159 61.52 8.79 9.45
CA ALA A 159 61.66 7.62 8.58
C ALA A 159 60.40 7.41 7.74
N VAL A 160 59.25 7.78 8.28
CA VAL A 160 58.00 7.63 7.55
C VAL A 160 57.94 8.67 6.43
N MSE A 161 58.32 9.90 6.75
CA MSE A 161 58.32 10.97 5.77
C MSE A 161 59.24 10.69 4.60
O MSE A 161 58.90 11.00 3.46
CB MSE A 161 58.69 12.29 6.45
CG MSE A 161 57.72 12.65 7.54
SE MSE A 161 58.16 14.28 8.46
CE MSE A 161 59.62 13.61 9.49
N LYS A 162 60.41 10.11 4.87
CA LYS A 162 61.37 9.80 3.82
C LYS A 162 60.81 8.76 2.85
N GLU A 163 60.17 7.73 3.38
CA GLU A 163 59.57 6.70 2.53
C GLU A 163 58.44 7.31 1.73
N LEU A 164 57.65 8.15 2.39
CA LEU A 164 56.52 8.82 1.79
C LEU A 164 56.96 9.81 0.71
N ALA A 165 58.01 10.58 1.01
CA ALA A 165 58.53 11.59 0.10
C ALA A 165 58.75 11.13 -1.33
N VAL A 166 59.19 9.89 -1.51
CA VAL A 166 59.44 9.38 -2.86
C VAL A 166 58.16 9.21 -3.69
N LEU A 167 57.07 8.81 -3.04
CA LEU A 167 55.81 8.56 -3.72
C LEU A 167 55.08 9.77 -4.30
N ASP A 168 54.53 9.60 -5.51
CA ASP A 168 53.80 10.64 -6.22
C ASP A 168 52.31 10.49 -5.90
N VAL A 169 51.72 11.52 -5.29
CA VAL A 169 50.31 11.46 -4.92
C VAL A 169 49.43 12.52 -5.58
N ALA A 170 50.03 13.62 -5.99
CA ALA A 170 49.30 14.70 -6.66
C ALA A 170 49.98 15.02 -7.99
N GLY A 171 49.23 15.60 -8.92
CA GLY A 171 49.82 15.91 -10.21
C GLY A 171 49.69 14.80 -11.23
N HIS A 172 49.90 13.55 -10.81
CA HIS A 172 49.78 12.44 -11.75
C HIS A 172 49.01 11.24 -11.22
N ALA A 173 48.95 11.11 -9.90
CA ALA A 173 48.20 10.01 -9.32
C ALA A 173 46.81 10.16 -9.89
N GLY A 174 46.39 11.41 -10.06
CA GLY A 174 45.07 11.67 -10.57
C GLY A 174 44.15 11.02 -9.57
N ASP A 175 43.08 10.39 -10.05
CA ASP A 175 42.15 9.73 -9.16
C ASP A 175 42.72 8.41 -8.61
N MSE A 176 43.96 8.10 -8.97
CA MSE A 176 44.61 6.89 -8.47
C MSE A 176 44.85 6.99 -6.97
O MSE A 176 44.71 6.01 -6.25
CB MSE A 176 45.96 6.64 -9.14
CG MSE A 176 45.94 5.87 -10.44
SE MSE A 176 47.72 5.20 -10.86
CE MSE A 176 48.73 6.83 -10.56
N LEU A 177 45.22 8.18 -6.53
CA LEU A 177 45.48 8.42 -5.11
C LEU A 177 44.21 8.08 -4.34
N GLY A 178 43.07 8.52 -4.83
CA GLY A 178 41.82 8.24 -4.18
C GLY A 178 41.63 6.75 -3.95
N ASP A 179 41.79 5.95 -5.01
CA ASP A 179 41.63 4.51 -4.89
C ASP A 179 42.68 3.91 -3.98
N ALA A 180 43.90 4.41 -4.07
CA ALA A 180 44.97 3.89 -3.23
C ALA A 180 44.65 4.16 -1.76
N TYR A 181 44.15 5.35 -1.48
CA TYR A 181 43.80 5.74 -0.12
C TYR A 181 42.68 4.83 0.39
N GLU A 182 41.76 4.53 -0.52
CA GLU A 182 40.63 3.68 -0.21
C GLU A 182 41.15 2.28 0.14
N TYR A 183 42.16 1.82 -0.61
CA TYR A 183 42.74 0.50 -0.34
C TYR A 183 43.36 0.51 1.04
N LEU A 184 44.03 1.61 1.40
CA LEU A 184 44.65 1.71 2.72
C LEU A 184 43.59 1.57 3.80
N ILE A 185 42.49 2.30 3.66
CA ILE A 185 41.42 2.25 4.65
C ILE A 185 40.87 0.83 4.74
N GLY A 186 40.66 0.20 3.59
CA GLY A 186 40.15 -1.16 3.58
C GLY A 186 41.09 -2.08 4.32
N GLN A 187 42.40 -1.94 4.08
CA GLN A 187 43.39 -2.77 4.73
C GLN A 187 43.36 -2.59 6.24
N PHE A 188 43.19 -1.34 6.69
CA PHE A 188 43.12 -1.10 8.13
C PHE A 188 41.84 -1.70 8.70
N ALA A 189 40.80 -1.79 7.87
CA ALA A 189 39.52 -2.34 8.30
C ALA A 189 39.70 -3.79 8.74
N THR A 190 40.54 -4.52 8.01
CA THR A 190 40.82 -5.91 8.36
C THR A 190 41.67 -5.84 9.62
N ASP A 191 41.03 -5.60 10.77
CA ASP A 191 41.69 -5.49 12.07
C ASP A 191 40.75 -4.79 13.05
N LYS A 195 37.34 -5.91 15.71
CA LYS A 195 36.17 -5.26 16.30
C LYS A 195 34.87 -5.88 15.80
N ALA A 196 33.75 -5.26 16.17
CA ALA A 196 32.42 -5.73 15.74
C ALA A 196 31.35 -4.63 15.79
N GLY A 197 31.55 -3.56 15.01
CA GLY A 197 30.60 -2.46 14.95
C GLY A 197 30.32 -2.03 13.50
N GLU A 198 30.78 -0.85 13.11
CA GLU A 198 30.61 -0.38 11.74
C GLU A 198 31.70 -1.02 10.87
N PHE A 199 31.32 -1.96 10.01
CA PHE A 199 32.30 -2.63 9.15
C PHE A 199 32.50 -2.00 7.78
N TYR A 200 33.69 -2.17 7.23
CA TYR A 200 34.01 -1.62 5.92
C TYR A 200 33.19 -2.34 4.85
N THR A 201 32.60 -1.60 3.94
CA THR A 201 31.80 -2.22 2.90
C THR A 201 32.69 -2.61 1.73
N PRO A 202 32.75 -3.91 1.43
CA PRO A 202 33.56 -4.43 0.32
C PRO A 202 33.19 -3.73 -0.98
N GLN A 203 34.21 -3.34 -1.75
CA GLN A 203 34.03 -2.64 -3.00
C GLN A 203 32.95 -3.22 -3.94
N PRO A 204 32.97 -4.55 -4.15
CA PRO A 204 31.97 -5.16 -5.03
C PRO A 204 30.55 -4.88 -4.56
N VAL A 205 30.33 -4.97 -3.26
CA VAL A 205 29.03 -4.70 -2.65
C VAL A 205 28.68 -3.22 -2.79
N ALA A 206 29.68 -2.36 -2.57
CA ALA A 206 29.50 -0.92 -2.68
C ALA A 206 29.08 -0.57 -4.10
N LYS A 207 29.74 -1.21 -5.06
CA LYS A 207 29.44 -0.99 -6.48
C LYS A 207 27.99 -1.34 -6.81
N LEU A 208 27.55 -2.52 -6.38
CA LEU A 208 26.18 -2.97 -6.61
C LEU A 208 25.17 -1.98 -6.06
N MSE A 209 25.35 -1.59 -4.80
CA MSE A 209 24.46 -0.65 -4.14
C MSE A 209 24.45 0.71 -4.84
O MSE A 209 23.40 1.32 -5.04
CB MSE A 209 24.87 -0.49 -2.68
CG MSE A 209 24.81 -1.79 -1.91
SE MSE A 209 25.42 -1.59 -0.08
CE MSE A 209 27.28 -1.30 -0.42
N THR A 210 25.63 1.19 -5.22
CA THR A 210 25.72 2.49 -5.87
C THR A 210 25.16 2.50 -7.29
N GLN A 211 25.41 1.44 -8.05
CA GLN A 211 24.90 1.38 -9.41
C GLN A 211 23.38 1.36 -9.39
N ILE A 212 22.81 0.67 -8.41
CA ILE A 212 21.36 0.59 -8.28
C ILE A 212 20.78 1.96 -7.91
N ALA A 213 21.44 2.66 -6.99
CA ALA A 213 20.98 3.97 -6.56
C ALA A 213 20.98 4.98 -7.70
N PHE A 214 22.02 4.95 -8.52
CA PHE A 214 22.16 5.87 -9.66
C PHE A 214 21.53 5.39 -10.98
N LEU A 215 21.04 4.15 -11.01
CA LEU A 215 20.45 3.59 -12.22
C LEU A 215 19.50 4.56 -12.94
N GLY A 216 19.80 4.86 -14.19
CA GLY A 216 18.94 5.75 -14.95
C GLY A 216 19.11 7.23 -14.63
N ARG A 217 20.03 7.57 -13.74
CA ARG A 217 20.24 8.96 -13.38
C ARG A 217 21.73 9.28 -13.32
N GLU A 218 22.52 8.53 -14.09
CA GLU A 218 23.97 8.73 -14.12
C GLU A 218 24.36 10.11 -14.64
N ASP A 219 23.47 10.75 -15.39
CA ASP A 219 23.78 12.07 -15.92
C ASP A 219 23.16 13.21 -15.14
N LYS A 220 22.42 12.89 -14.07
CA LYS A 220 21.78 13.93 -13.28
C LYS A 220 22.82 14.77 -12.53
N GLN A 221 22.76 16.08 -12.71
CA GLN A 221 23.67 16.98 -12.03
C GLN A 221 23.02 17.36 -10.72
N GLY A 222 23.81 17.48 -9.65
CA GLY A 222 23.24 17.83 -8.36
C GLY A 222 22.53 16.67 -7.67
N PHE A 223 22.85 15.45 -8.08
CA PHE A 223 22.25 14.26 -7.48
C PHE A 223 22.65 14.29 -6.00
N THR A 224 21.67 14.18 -5.10
CA THR A 224 21.96 14.19 -3.67
C THR A 224 22.03 12.76 -3.10
N LEU A 225 23.13 12.47 -2.42
CA LEU A 225 23.38 11.14 -1.86
C LEU A 225 23.57 11.19 -0.35
N TYR A 226 22.81 10.37 0.38
CA TYR A 226 22.87 10.36 1.84
C TYR A 226 23.22 9.02 2.49
N ASP A 227 24.16 9.06 3.45
CA ASP A 227 24.53 7.86 4.21
C ASP A 227 24.53 8.32 5.68
N ALA A 228 23.57 7.83 6.46
CA ALA A 228 23.44 8.22 7.88
C ALA A 228 24.36 7.45 8.82
N THR A 229 25.18 6.57 8.29
CA THR A 229 26.14 5.80 9.08
C THR A 229 27.32 5.59 8.13
N MSE A 230 27.82 6.71 7.61
CA MSE A 230 28.89 6.72 6.61
C MSE A 230 30.23 6.10 6.93
O MSE A 230 30.93 5.66 6.02
CB MSE A 230 29.10 8.16 6.11
CG MSE A 230 30.03 9.01 6.95
SE MSE A 230 30.44 10.73 6.11
CE MSE A 230 30.97 10.11 4.38
N GLY A 231 30.62 6.06 8.20
CA GLY A 231 31.92 5.49 8.53
C GLY A 231 32.99 6.36 7.88
N SER A 232 33.94 5.73 7.18
CA SER A 232 35.03 6.44 6.49
C SER A 232 34.59 7.14 5.20
N GLY A 233 33.30 7.06 4.88
CA GLY A 233 32.79 7.69 3.67
C GLY A 233 33.03 6.90 2.40
N SER A 234 33.68 5.76 2.56
CA SER A 234 34.02 4.88 1.44
C SER A 234 32.83 4.44 0.59
N LEU A 235 31.71 4.14 1.24
CA LEU A 235 30.52 3.72 0.51
C LEU A 235 30.03 4.87 -0.36
N LEU A 236 29.84 6.05 0.24
CA LEU A 236 29.36 7.22 -0.49
C LEU A 236 30.23 7.56 -1.71
N LEU A 237 31.55 7.59 -1.51
CA LEU A 237 32.47 7.95 -2.58
C LEU A 237 32.45 7.05 -3.81
N ASN A 238 31.66 5.99 -3.78
CA ASN A 238 31.55 5.13 -4.94
C ASN A 238 30.79 5.90 -6.01
N ALA A 239 30.14 6.97 -5.59
CA ALA A 239 29.37 7.81 -6.50
C ALA A 239 30.32 8.45 -7.51
N LYS A 240 31.56 8.70 -7.09
CA LYS A 240 32.54 9.33 -7.95
C LYS A 240 32.76 8.52 -9.22
N ARG A 241 32.61 7.21 -9.16
CA ARG A 241 32.84 6.39 -10.34
C ARG A 241 31.60 5.97 -11.10
N TYR A 242 30.45 5.89 -10.42
CA TYR A 242 29.25 5.45 -11.09
C TYR A 242 28.31 6.55 -11.58
N SER A 243 28.63 7.79 -11.24
CA SER A 243 27.85 8.92 -11.72
C SER A 243 28.69 9.56 -12.82
N ARG A 244 28.06 10.05 -13.89
CA ARG A 244 28.78 10.69 -14.97
C ARG A 244 28.93 12.19 -14.71
N GLN A 245 28.41 12.63 -13.58
CA GLN A 245 28.48 14.03 -13.15
C GLN A 245 29.01 14.02 -11.72
N PRO A 246 30.13 13.30 -11.50
CA PRO A 246 30.76 13.19 -10.18
C PRO A 246 31.08 14.47 -9.42
N GLN A 247 31.37 15.54 -10.15
CA GLN A 247 31.71 16.78 -9.47
C GLN A 247 30.52 17.64 -9.06
N THR A 248 29.31 17.15 -9.34
CA THR A 248 28.09 17.87 -8.97
C THR A 248 27.27 17.05 -7.96
N VAL A 249 27.77 15.85 -7.65
CA VAL A 249 27.11 14.99 -6.68
C VAL A 249 27.22 15.69 -5.31
N VAL A 250 26.09 15.86 -4.62
CA VAL A 250 26.11 16.50 -3.30
C VAL A 250 26.01 15.41 -2.24
N TYR A 251 27.05 15.33 -1.42
CA TYR A 251 27.13 14.30 -0.38
C TYR A 251 26.66 14.73 1.00
N PHE A 252 25.83 13.90 1.61
CA PHE A 252 25.34 14.13 2.96
C PHE A 252 25.69 12.87 3.73
N GLY A 253 26.45 13.01 4.81
CA GLY A 253 26.84 11.85 5.59
C GLY A 253 26.95 12.14 7.07
N GLN A 254 26.63 11.14 7.88
CA GLN A 254 26.69 11.29 9.33
C GLN A 254 27.44 10.11 9.94
N GLU A 255 28.30 10.41 10.92
CA GLU A 255 29.10 9.40 11.61
C GLU A 255 29.21 9.77 13.09
N LEU A 256 29.12 8.79 13.97
CA LEU A 256 29.21 9.04 15.40
C LEU A 256 30.64 9.12 15.91
N ASN A 257 31.48 8.19 15.49
CA ASN A 257 32.88 8.19 15.93
C ASN A 257 33.64 9.38 15.34
N THR A 258 34.07 10.28 16.20
CA THR A 258 34.80 11.49 15.79
C THR A 258 36.06 11.19 14.99
N SER A 259 36.78 10.15 15.39
CA SER A 259 38.00 9.77 14.68
C SER A 259 37.66 9.32 13.27
N THR A 260 36.67 8.43 13.15
CA THR A 260 36.25 7.92 11.85
C THR A 260 35.69 9.09 11.03
N TYR A 261 35.03 10.02 11.72
CA TYR A 261 34.45 11.19 11.08
C TYR A 261 35.54 11.97 10.36
N ASN A 262 36.64 12.19 11.06
CA ASN A 262 37.77 12.91 10.49
C ASN A 262 38.34 12.17 9.30
N LEU A 263 38.41 10.85 9.39
CA LEU A 263 38.95 10.06 8.28
C LEU A 263 38.06 10.31 7.05
N ALA A 264 36.75 10.34 7.25
CA ALA A 264 35.82 10.57 6.15
C ALA A 264 36.03 11.94 5.53
N ARG A 265 36.31 12.94 6.36
CA ARG A 265 36.54 14.28 5.84
C ARG A 265 37.75 14.25 4.92
N MSE A 266 38.77 13.50 5.34
CA MSE A 266 40.00 13.36 4.58
C MSE A 266 39.71 12.63 3.28
O MSE A 266 40.13 13.06 2.21
CB MSE A 266 41.05 12.59 5.38
CG MSE A 266 41.54 13.29 6.63
SE MSE A 266 42.94 12.31 7.49
CE MSE A 266 43.32 13.55 8.94
N ASN A 267 38.99 11.51 3.40
CA ASN A 267 38.64 10.70 2.25
C ASN A 267 37.95 11.52 1.16
N MSE A 268 37.05 12.42 1.57
CA MSE A 268 36.31 13.27 0.64
C MSE A 268 37.23 14.24 -0.08
O MSE A 268 37.14 14.41 -1.30
CB MSE A 268 35.25 14.08 1.39
CG MSE A 268 34.07 13.26 1.90
SE MSE A 268 32.60 13.22 0.65
CE MSE A 268 31.54 14.63 1.40
N ILE A 269 38.12 14.88 0.67
CA ILE A 269 39.06 15.82 0.09
C ILE A 269 39.98 15.11 -0.90
N LEU A 270 40.41 13.89 -0.54
CA LEU A 270 41.31 13.11 -1.40
C LEU A 270 40.66 12.54 -2.65
N HIS A 271 39.34 12.49 -2.68
CA HIS A 271 38.66 11.99 -3.85
C HIS A 271 38.23 13.17 -4.71
N GLY A 272 38.74 14.34 -4.35
CA GLY A 272 38.46 15.55 -5.09
C GLY A 272 37.04 16.06 -5.04
N VAL A 273 36.30 15.74 -3.99
CA VAL A 273 34.94 16.23 -3.88
C VAL A 273 34.98 17.71 -3.54
N PRO A 274 34.30 18.54 -4.34
CA PRO A 274 34.29 19.99 -4.09
C PRO A 274 33.78 20.31 -2.69
N ILE A 275 34.39 21.32 -2.10
CA ILE A 275 34.04 21.79 -0.76
C ILE A 275 32.55 22.05 -0.59
N GLU A 276 31.94 22.71 -1.59
CA GLU A 276 30.53 23.03 -1.53
C GLU A 276 29.58 21.82 -1.66
N ASN A 277 30.11 20.65 -2.00
CA ASN A 277 29.27 19.46 -2.17
C ASN A 277 29.39 18.48 -1.02
N GLN A 278 29.97 18.95 0.08
CA GLN A 278 30.18 18.12 1.26
C GLN A 278 29.40 18.60 2.47
N PHE A 279 28.51 17.75 2.96
CA PHE A 279 27.73 18.06 4.15
C PHE A 279 27.88 16.87 5.09
N LEU A 280 28.89 16.94 5.95
CA LEU A 280 29.21 15.88 6.90
C LEU A 280 28.90 16.33 8.33
N HIS A 281 28.26 15.45 9.08
CA HIS A 281 27.85 15.74 10.44
C HIS A 281 28.37 14.65 11.40
N ASN A 282 28.90 15.08 12.53
CA ASN A 282 29.40 14.15 13.53
C ASN A 282 28.36 14.08 14.65
N ALA A 283 27.58 13.00 14.68
CA ALA A 283 26.53 12.83 15.69
C ALA A 283 25.93 11.43 15.68
N ASP A 284 25.03 11.16 16.64
CA ASP A 284 24.37 9.87 16.72
C ASP A 284 23.14 9.93 15.83
N THR A 285 23.10 9.06 14.82
CA THR A 285 22.00 9.06 13.88
C THR A 285 20.63 8.71 14.46
N LEU A 286 20.59 7.87 15.48
CA LEU A 286 19.30 7.50 16.06
C LEU A 286 18.74 8.46 17.10
N ASP A 287 19.59 9.11 17.88
CA ASP A 287 19.07 10.03 18.89
C ASP A 287 18.42 11.28 18.30
N GLU A 288 19.19 12.13 17.65
CA GLU A 288 18.62 13.34 17.06
C GLU A 288 18.65 13.21 15.53
N ASP A 289 17.52 13.44 14.89
CA ASP A 289 17.43 13.34 13.44
C ASP A 289 18.19 14.46 12.74
N TRP A 290 18.93 14.10 11.68
CA TRP A 290 19.71 15.07 10.88
C TRP A 290 19.72 14.60 9.43
N PRO A 291 19.60 15.53 8.47
CA PRO A 291 19.43 16.97 8.66
C PRO A 291 17.98 17.31 8.98
N THR A 292 17.76 18.49 9.55
CA THR A 292 16.41 18.93 9.86
C THR A 292 16.08 20.09 8.95
N GLN A 293 17.11 20.77 8.46
CA GLN A 293 16.92 21.90 7.56
C GLN A 293 16.89 21.40 6.12
N GLU A 294 15.91 21.87 5.36
CA GLU A 294 15.76 21.48 3.97
C GLU A 294 17.02 21.72 3.16
N PRO A 295 17.33 20.81 2.22
CA PRO A 295 16.55 19.61 1.91
C PRO A 295 16.83 18.47 2.89
N THR A 296 15.78 17.73 3.24
CA THR A 296 15.93 16.62 4.17
C THR A 296 15.69 15.28 3.47
N ASN A 297 15.28 15.34 2.20
CA ASN A 297 15.03 14.14 1.40
C ASN A 297 16.01 14.08 0.25
N PHE A 298 16.56 12.89 -0.01
CA PHE A 298 17.58 12.74 -1.05
C PHE A 298 17.30 11.75 -2.16
N ASP A 299 17.92 12.00 -3.32
CA ASP A 299 17.77 11.14 -4.48
C ASP A 299 18.26 9.74 -4.16
N GLY A 300 19.36 9.66 -3.42
CA GLY A 300 19.88 8.36 -3.07
C GLY A 300 20.27 8.23 -1.61
N VAL A 301 20.09 7.03 -1.08
CA VAL A 301 20.46 6.73 0.30
C VAL A 301 21.20 5.40 0.27
N LEU A 302 22.45 5.40 0.74
CA LEU A 302 23.27 4.19 0.79
C LEU A 302 23.74 3.99 2.21
N MSE A 303 23.48 2.82 2.78
CA MSE A 303 23.88 2.59 4.16
C MSE A 303 24.28 1.18 4.53
O MSE A 303 23.71 0.19 4.07
CB MSE A 303 22.75 3.01 5.10
CG MSE A 303 22.47 4.50 5.17
SE MSE A 303 20.85 4.82 6.20
CE MSE A 303 21.41 4.04 7.88
N ASN A 304 25.27 1.12 5.41
CA ASN A 304 25.77 -0.14 5.98
C ASN A 304 25.88 0.24 7.45
N PRO A 305 24.75 0.18 8.16
CA PRO A 305 24.77 0.52 9.59
C PRO A 305 25.64 -0.39 10.45
N PRO A 306 25.89 0.04 11.70
CA PRO A 306 26.71 -0.70 12.67
C PRO A 306 26.17 -2.11 12.81
N TYR A 307 27.07 -3.08 12.89
CA TYR A 307 26.67 -4.46 13.03
C TYR A 307 26.26 -4.78 14.45
N SER A 308 25.10 -5.41 14.60
CA SER A 308 24.62 -5.83 15.91
C SER A 308 24.62 -4.70 16.95
N ALA A 309 24.13 -3.53 16.56
CA ALA A 309 24.08 -2.40 17.49
C ALA A 309 22.76 -2.39 18.26
N LYS A 310 22.77 -1.70 19.40
CA LYS A 310 21.59 -1.58 20.23
C LYS A 310 21.24 -0.09 20.29
N TRP A 311 20.02 0.24 20.69
CA TRP A 311 19.64 1.64 20.77
C TRP A 311 18.62 1.88 21.88
N SER A 312 18.37 3.16 22.14
CA SER A 312 17.46 3.60 23.19
C SER A 312 16.10 2.93 23.14
N ALA A 313 15.41 3.08 22.01
CA ALA A 313 14.08 2.52 21.87
C ALA A 313 13.18 3.17 22.91
N SER A 314 13.59 4.36 23.34
CA SER A 314 12.82 5.12 24.33
C SER A 314 11.41 5.30 23.81
N SER A 315 10.44 5.18 24.70
CA SER A 315 9.04 5.33 24.34
C SER A 315 8.84 6.60 23.52
N GLY A 316 9.67 7.60 23.80
CA GLY A 316 9.57 8.86 23.10
C GLY A 316 9.64 8.80 21.58
N PHE A 317 10.34 7.81 21.06
CA PHE A 317 10.46 7.66 19.62
C PHE A 317 9.15 7.36 18.90
N MSE A 318 8.12 6.99 19.64
CA MSE A 318 6.84 6.70 18.99
C MSE A 318 6.16 7.98 18.53
O MSE A 318 5.07 7.95 17.94
CB MSE A 318 5.91 5.90 19.90
CG MSE A 318 6.11 4.39 19.79
SE MSE A 318 6.10 3.73 17.95
CE MSE A 318 4.20 3.76 17.63
N ASP A 319 6.79 9.12 18.82
CA ASP A 319 6.28 10.42 18.42
C ASP A 319 7.21 10.94 17.32
N ASP A 320 8.24 10.17 17.02
CA ASP A 320 9.22 10.53 16.00
C ASP A 320 8.64 10.13 14.64
N PRO A 321 8.59 11.08 13.69
CA PRO A 321 8.04 10.80 12.36
C PRO A 321 8.75 9.63 11.67
N ARG A 322 10.00 9.39 12.03
CA ARG A 322 10.78 8.30 11.45
C ARG A 322 10.28 6.90 11.82
N PHE A 323 9.72 6.76 13.02
CA PHE A 323 9.28 5.46 13.48
C PHE A 323 7.82 5.27 13.82
N SER A 324 7.15 6.34 14.22
CA SER A 324 5.75 6.26 14.60
C SER A 324 4.81 5.63 13.58
N PRO A 325 5.06 5.83 12.28
CA PRO A 325 4.16 5.23 11.29
C PRO A 325 4.22 3.71 11.22
N PHE A 326 5.21 3.11 11.88
CA PHE A 326 5.38 1.67 11.76
C PHE A 326 4.97 0.76 12.93
N GLY A 327 3.93 1.18 13.66
CA GLY A 327 3.41 0.39 14.76
C GLY A 327 4.22 0.28 16.04
N LYS A 328 5.35 -0.40 15.96
CA LYS A 328 6.20 -0.58 17.13
C LYS A 328 7.62 -0.15 16.84
N LEU A 329 8.38 0.11 17.89
CA LEU A 329 9.77 0.52 17.76
C LEU A 329 10.66 -0.70 17.65
N ALA A 330 11.77 -0.56 16.93
CA ALA A 330 12.72 -1.65 16.79
C ALA A 330 13.14 -2.00 18.21
N PRO A 331 13.45 -3.28 18.47
CA PRO A 331 13.86 -3.71 19.80
C PRO A 331 15.14 -3.03 20.28
N LYS A 332 15.25 -2.81 21.59
CA LYS A 332 16.44 -2.18 22.16
C LYS A 332 17.71 -2.92 21.74
N SER A 333 17.63 -4.24 21.66
CA SER A 333 18.77 -5.06 21.31
C SER A 333 19.07 -5.14 19.81
N LYS A 334 18.10 -4.78 18.97
CA LYS A 334 18.30 -4.84 17.52
C LYS A 334 17.98 -3.51 16.85
N ALA A 335 18.98 -2.65 16.74
CA ALA A 335 18.80 -1.34 16.13
C ALA A 335 18.66 -1.38 14.61
N ASP A 336 18.90 -2.55 14.01
CA ASP A 336 18.81 -2.72 12.55
C ASP A 336 17.68 -1.93 11.88
N PHE A 337 16.44 -2.25 12.22
CA PHE A 337 15.29 -1.57 11.64
C PHE A 337 15.23 -0.08 11.95
N ALA A 338 15.77 0.35 13.09
CA ALA A 338 15.72 1.77 13.42
C ALA A 338 16.56 2.54 12.39
N PHE A 339 17.72 1.99 12.04
CA PHE A 339 18.60 2.62 11.07
C PHE A 339 17.92 2.67 9.70
N LEU A 340 17.29 1.56 9.33
CA LEU A 340 16.62 1.48 8.04
C LEU A 340 15.48 2.50 7.91
N LEU A 341 14.63 2.59 8.94
CA LEU A 341 13.52 3.55 8.92
C LEU A 341 14.05 4.97 8.87
N HIS A 342 15.18 5.21 9.51
CA HIS A 342 15.78 6.54 9.50
C HIS A 342 16.20 6.89 8.07
N GLY A 343 16.86 5.95 7.39
CA GLY A 343 17.27 6.19 6.01
C GLY A 343 16.05 6.41 5.13
N TYR A 344 15.07 5.52 5.26
CA TYR A 344 13.84 5.60 4.48
C TYR A 344 13.14 6.94 4.69
N TYR A 345 13.12 7.41 5.92
CA TYR A 345 12.49 8.68 6.25
C TYR A 345 13.11 9.79 5.41
N HIS A 346 14.40 9.66 5.11
CA HIS A 346 15.11 10.66 4.33
C HIS A 346 15.19 10.37 2.83
N LEU A 347 14.42 9.40 2.34
CA LEU A 347 14.45 9.08 0.92
C LEU A 347 13.38 9.86 0.17
N LYS A 348 13.75 10.49 -0.94
CA LYS A 348 12.78 11.26 -1.72
C LYS A 348 11.70 10.33 -2.28
N GLN A 349 10.44 10.74 -2.17
CA GLN A 349 9.38 9.93 -2.71
C GLN A 349 9.38 9.99 -4.23
N ASP A 350 9.95 11.06 -4.77
CA ASP A 350 10.07 11.22 -6.23
C ASP A 350 11.35 10.56 -6.74
N ASN A 351 11.24 9.32 -7.21
CA ASN A 351 12.37 8.59 -7.78
C ASN A 351 13.50 8.20 -6.83
N GLY A 352 13.38 8.54 -5.55
CA GLY A 352 14.43 8.20 -4.61
C GLY A 352 14.69 6.70 -4.55
N VAL A 353 15.95 6.32 -4.43
CA VAL A 353 16.29 4.90 -4.35
C VAL A 353 17.21 4.71 -3.16
N MSE A 354 16.92 3.69 -2.35
CA MSE A 354 17.74 3.43 -1.18
C MSE A 354 18.27 2.00 -1.16
O MSE A 354 17.55 1.07 -1.50
CB MSE A 354 16.93 3.70 0.08
CG MSE A 354 17.51 3.13 1.35
SE MSE A 354 16.52 3.73 2.90
CE MSE A 354 17.50 2.77 4.27
N ALA A 355 19.53 1.85 -0.77
CA ALA A 355 20.15 0.53 -0.67
C ALA A 355 20.76 0.46 0.73
N ILE A 356 20.52 -0.64 1.43
CA ILE A 356 21.05 -0.81 2.77
C ILE A 356 21.42 -2.28 2.95
N VAL A 357 22.63 -2.53 3.45
CA VAL A 357 23.09 -3.89 3.66
C VAL A 357 23.05 -4.23 5.14
N LEU A 358 22.30 -5.29 5.45
CA LEU A 358 22.09 -5.72 6.83
C LEU A 358 22.09 -7.25 6.92
N PRO A 359 22.11 -7.77 8.16
CA PRO A 359 22.09 -9.23 8.35
C PRO A 359 20.68 -9.65 7.95
N HIS A 360 20.45 -10.96 7.81
CA HIS A 360 19.14 -11.48 7.42
C HIS A 360 18.02 -11.30 8.46
N GLY A 361 18.41 -11.17 9.73
CA GLY A 361 17.45 -11.02 10.80
C GLY A 361 16.17 -10.25 10.49
N VAL A 362 16.33 -9.00 10.05
CA VAL A 362 15.18 -8.16 9.74
C VAL A 362 14.17 -8.78 8.77
N LEU A 363 14.61 -9.76 7.99
CA LEU A 363 13.72 -10.40 7.03
C LEU A 363 12.78 -11.41 7.67
N PHE A 364 13.22 -12.08 8.73
CA PHE A 364 12.39 -13.09 9.37
C PHE A 364 12.03 -12.93 10.84
N ARG A 365 12.79 -12.16 11.61
CA ARG A 365 12.46 -12.03 13.02
C ARG A 365 11.04 -11.52 13.23
N GLY A 366 10.42 -11.97 14.32
CA GLY A 366 9.06 -11.60 14.64
C GLY A 366 8.91 -10.51 15.68
N ASN A 367 7.73 -10.44 16.26
CA ASN A 367 7.45 -9.41 17.25
C ASN A 367 7.69 -8.05 16.62
N ALA A 368 7.99 -7.04 17.42
CA ALA A 368 8.23 -5.70 16.90
C ALA A 368 8.78 -5.61 15.48
N GLU A 369 9.85 -6.33 15.19
CA GLU A 369 10.42 -6.29 13.86
C GLU A 369 9.43 -6.80 12.82
N GLY A 370 8.69 -7.84 13.16
CA GLY A 370 7.70 -8.36 12.24
C GLY A 370 6.65 -7.30 11.95
N THR A 371 6.26 -6.57 12.98
CA THR A 371 5.26 -5.51 12.85
C THR A 371 5.75 -4.42 11.92
N ILE A 372 7.01 -4.02 12.08
CA ILE A 372 7.59 -2.99 11.24
C ILE A 372 7.70 -3.47 9.79
N ARG A 373 8.19 -4.70 9.62
CA ARG A 373 8.33 -5.28 8.30
C ARG A 373 7.00 -5.24 7.58
N LYS A 374 5.96 -5.69 8.29
CA LYS A 374 4.61 -5.72 7.73
C LYS A 374 4.18 -4.34 7.23
N ALA A 375 4.37 -3.32 8.07
CA ALA A 375 3.99 -1.96 7.71
C ALA A 375 4.76 -1.48 6.49
N LEU A 376 6.04 -1.84 6.42
CA LEU A 376 6.87 -1.45 5.30
C LEU A 376 6.32 -2.06 4.01
N LEU A 377 6.01 -3.35 4.07
CA LEU A 377 5.50 -4.08 2.91
C LEU A 377 4.14 -3.57 2.43
N GLU A 378 3.27 -3.20 3.36
CA GLU A 378 1.94 -2.71 2.98
C GLU A 378 2.00 -1.45 2.13
N GLU A 379 3.06 -0.66 2.28
CA GLU A 379 3.20 0.56 1.48
C GLU A 379 4.25 0.35 0.37
N GLY A 380 4.58 -0.90 0.09
CA GLY A 380 5.55 -1.21 -0.95
C GLY A 380 6.94 -0.61 -0.79
N ALA A 381 7.37 -0.38 0.44
CA ALA A 381 8.68 0.21 0.70
C ALA A 381 9.85 -0.69 0.29
N ILE A 382 9.66 -2.00 0.38
CA ILE A 382 10.72 -2.94 0.04
C ILE A 382 10.60 -3.41 -1.41
N ASP A 383 11.44 -2.84 -2.26
CA ASP A 383 11.42 -3.14 -3.69
C ASP A 383 12.15 -4.41 -4.09
N THR A 384 13.35 -4.61 -3.55
CA THR A 384 14.16 -5.78 -3.88
C THR A 384 14.92 -6.34 -2.69
N VAL A 385 15.01 -7.67 -2.59
CA VAL A 385 15.77 -8.31 -1.52
C VAL A 385 16.87 -9.16 -2.16
N ILE A 386 18.11 -8.80 -1.88
CA ILE A 386 19.25 -9.51 -2.45
C ILE A 386 20.07 -10.23 -1.38
N GLY A 387 20.24 -11.55 -1.55
CA GLY A 387 21.02 -12.32 -0.60
C GLY A 387 22.46 -12.37 -1.06
N LEU A 388 23.37 -11.89 -0.22
CA LEU A 388 24.78 -11.87 -0.56
C LEU A 388 25.51 -13.12 -0.07
N PRO A 389 26.63 -13.46 -0.71
CA PRO A 389 27.40 -14.64 -0.29
C PRO A 389 27.84 -14.47 1.16
N ALA A 390 28.08 -15.58 1.84
CA ALA A 390 28.55 -15.55 3.21
C ALA A 390 30.03 -15.22 3.15
N ASN A 391 30.58 -14.84 4.30
CA ASN A 391 31.99 -14.52 4.42
C ASN A 391 32.58 -13.54 3.39
N ILE A 392 31.91 -12.42 3.16
CA ILE A 392 32.48 -11.43 2.24
C ILE A 392 32.93 -10.19 2.99
N PHE A 393 32.35 -9.95 4.17
CA PHE A 393 32.76 -8.81 5.00
C PHE A 393 33.96 -9.26 5.81
N PHE A 394 34.79 -8.32 6.25
CA PHE A 394 35.99 -8.69 6.99
C PHE A 394 35.77 -9.02 8.46
N ASN A 395 34.80 -8.37 9.10
CA ASN A 395 34.59 -8.57 10.52
C ASN A 395 33.50 -9.55 10.97
N THR A 396 32.93 -10.29 10.03
CA THR A 396 31.91 -11.29 10.31
C THR A 396 31.82 -12.19 9.09
N SER A 397 31.50 -13.46 9.29
CA SER A 397 31.42 -14.39 8.17
C SER A 397 29.98 -14.64 7.71
N ILE A 398 29.03 -13.98 8.37
CA ILE A 398 27.63 -14.18 8.03
C ILE A 398 27.22 -13.70 6.64
N PRO A 399 26.18 -14.34 6.08
CA PRO A 399 25.71 -13.93 4.77
C PRO A 399 24.83 -12.73 5.14
N THR A 400 24.75 -11.76 4.25
CA THR A 400 23.96 -10.58 4.53
C THR A 400 22.95 -10.35 3.41
N THR A 401 22.19 -9.26 3.54
CA THR A 401 21.22 -8.91 2.54
C THR A 401 21.30 -7.43 2.22
N VAL A 402 21.13 -7.13 0.93
CA VAL A 402 21.11 -5.76 0.47
C VAL A 402 19.62 -5.55 0.19
N ILE A 403 19.03 -4.57 0.85
CA ILE A 403 17.61 -4.29 0.64
C ILE A 403 17.49 -2.97 -0.12
N ILE A 404 16.67 -2.97 -1.16
CA ILE A 404 16.45 -1.77 -1.98
C ILE A 404 15.06 -1.24 -1.64
N LEU A 405 14.98 0.04 -1.27
CA LEU A 405 13.69 0.61 -0.91
C LEU A 405 13.34 1.79 -1.79
N LYS A 406 12.05 1.94 -2.08
CA LYS A 406 11.52 3.01 -2.93
C LYS A 406 10.13 3.37 -2.43
N LYS A 407 9.78 4.66 -2.51
CA LYS A 407 8.48 5.11 -2.05
C LYS A 407 7.50 5.31 -3.20
N ASN A 408 6.21 5.34 -2.86
CA ASN A 408 5.15 5.58 -3.84
C ASN A 408 5.09 4.67 -5.06
N ARG A 409 5.54 3.42 -4.91
CA ARG A 409 5.49 2.46 -6.02
C ARG A 409 4.05 2.07 -6.28
N THR A 410 3.73 1.78 -7.53
CA THR A 410 2.39 1.35 -7.85
C THR A 410 2.29 -0.13 -7.45
N ASN A 411 3.33 -0.89 -7.76
CA ASN A 411 3.36 -2.32 -7.44
C ASN A 411 3.99 -2.66 -6.11
N ARG A 412 3.22 -3.31 -5.24
CA ARG A 412 3.70 -3.71 -3.91
C ARG A 412 4.35 -5.08 -3.93
N ASP A 413 4.97 -5.45 -5.04
CA ASP A 413 5.62 -6.76 -5.10
C ASP A 413 7.05 -6.65 -4.64
N VAL A 414 7.65 -7.78 -4.29
CA VAL A 414 9.04 -7.80 -3.84
C VAL A 414 9.84 -8.76 -4.71
N TYR A 415 10.97 -8.27 -5.22
CA TYR A 415 11.82 -9.08 -6.08
C TYR A 415 12.99 -9.66 -5.29
N PHE A 416 13.04 -10.98 -5.20
CA PHE A 416 14.10 -11.66 -4.46
C PHE A 416 15.21 -12.20 -5.36
N ILE A 417 16.45 -12.00 -4.94
CA ILE A 417 17.59 -12.50 -5.70
C ILE A 417 18.51 -13.22 -4.74
N ASP A 418 18.69 -14.52 -4.93
CA ASP A 418 19.59 -15.29 -4.08
C ASP A 418 20.95 -15.38 -4.76
N ALA A 419 21.86 -14.48 -4.37
CA ALA A 419 23.21 -14.45 -4.95
C ALA A 419 24.24 -14.96 -3.97
N SER A 420 23.82 -15.80 -3.04
CA SER A 420 24.75 -16.35 -2.06
C SER A 420 25.83 -17.23 -2.70
N LYS A 421 25.62 -17.66 -3.93
CA LYS A 421 26.58 -18.51 -4.63
C LYS A 421 27.42 -17.75 -5.65
N GLU A 422 27.21 -16.44 -5.73
CA GLU A 422 27.95 -15.62 -6.67
C GLU A 422 29.26 -15.12 -6.06
N PHE A 423 30.25 -16.00 -6.00
CA PHE A 423 31.54 -15.62 -5.44
C PHE A 423 32.66 -16.60 -5.79
N ASP A 424 33.88 -16.08 -5.76
CA ASP A 424 35.08 -16.87 -6.01
C ASP A 424 35.78 -17.02 -4.68
N LYS A 425 36.56 -18.07 -4.55
CA LYS A 425 37.28 -18.30 -3.32
C LYS A 425 38.44 -17.31 -3.25
N GLY A 426 38.66 -16.76 -2.05
CA GLY A 426 39.73 -15.80 -1.85
C GLY A 426 40.57 -16.19 -0.66
N LYS A 427 41.45 -15.27 -0.23
CA LYS A 427 42.35 -15.50 0.90
C LYS A 427 41.69 -15.38 2.28
N ASN A 428 41.01 -16.43 2.71
CA ASN A 428 40.30 -16.43 4.00
C ASN A 428 38.97 -15.70 3.86
N GLN A 429 38.60 -15.40 2.62
CA GLN A 429 37.33 -14.74 2.34
C GLN A 429 36.82 -15.16 0.99
N ASN A 430 35.62 -14.71 0.69
CA ASN A 430 35.00 -14.98 -0.59
C ASN A 430 35.07 -13.65 -1.31
N ILE A 431 35.26 -13.68 -2.62
CA ILE A 431 35.37 -12.47 -3.40
C ILE A 431 34.28 -12.43 -4.47
N MSE A 432 33.68 -11.25 -4.67
CA MSE A 432 32.66 -11.10 -5.69
C MSE A 432 33.32 -10.33 -6.81
O MSE A 432 34.01 -9.34 -6.57
CB MSE A 432 31.45 -10.32 -5.15
CG MSE A 432 30.78 -10.99 -3.97
SE MSE A 432 29.01 -10.28 -3.62
CE MSE A 432 29.42 -8.40 -3.69
N THR A 433 33.13 -10.79 -8.04
CA THR A 433 33.74 -10.16 -9.19
C THR A 433 32.75 -9.26 -9.92
N ASP A 434 33.25 -8.51 -10.91
CA ASP A 434 32.41 -7.64 -11.70
C ASP A 434 31.33 -8.45 -12.43
N ALA A 435 31.69 -9.66 -12.83
CA ALA A 435 30.76 -10.55 -13.52
C ALA A 435 29.63 -10.95 -12.59
N HIS A 436 29.96 -11.18 -11.32
CA HIS A 436 28.98 -11.55 -10.31
C HIS A 436 28.03 -10.38 -10.07
N ILE A 437 28.61 -9.19 -9.94
CA ILE A 437 27.82 -8.00 -9.71
C ILE A 437 26.93 -7.73 -10.92
N GLU A 438 27.49 -7.91 -12.12
CA GLU A 438 26.73 -7.65 -13.34
C GLU A 438 25.55 -8.62 -13.45
N LYS A 439 25.72 -9.86 -13.00
CA LYS A 439 24.64 -10.84 -13.06
C LYS A 439 23.50 -10.38 -12.15
N ILE A 440 23.82 -9.92 -10.95
CA ILE A 440 22.83 -9.45 -10.00
C ILE A 440 22.12 -8.21 -10.55
N LEU A 441 22.89 -7.25 -11.02
CA LEU A 441 22.33 -6.02 -11.58
C LEU A 441 21.37 -6.31 -12.72
N ASN A 442 21.75 -7.23 -13.60
CA ASN A 442 20.91 -7.60 -14.73
C ASN A 442 19.58 -8.19 -14.26
N ALA A 443 19.62 -9.03 -13.24
CA ALA A 443 18.39 -9.61 -12.70
C ALA A 443 17.52 -8.47 -12.17
N TYR A 444 18.12 -7.61 -11.35
CA TYR A 444 17.43 -6.47 -10.75
C TYR A 444 16.69 -5.61 -11.78
N LYS A 445 17.36 -5.32 -12.90
CA LYS A 445 16.74 -4.52 -13.94
C LYS A 445 15.55 -5.23 -14.58
N SER A 446 15.59 -6.55 -14.60
CA SER A 446 14.52 -7.32 -15.22
C SER A 446 13.34 -7.65 -14.33
N ARG A 447 13.61 -7.91 -13.05
CA ARG A 447 12.55 -8.29 -12.11
C ARG A 447 11.83 -9.52 -12.66
N GLU A 448 12.60 -10.43 -13.24
CA GLU A 448 12.04 -11.64 -13.79
C GLU A 448 12.51 -12.88 -13.05
N ASP A 449 11.65 -13.87 -12.94
CA ASP A 449 12.01 -15.10 -12.25
C ASP A 449 13.12 -15.76 -13.05
N ILE A 450 14.15 -16.19 -12.34
CA ILE A 450 15.30 -16.85 -12.96
C ILE A 450 15.55 -18.13 -12.17
N ASP A 451 15.68 -19.24 -12.88
CA ASP A 451 15.91 -20.53 -12.26
C ASP A 451 16.90 -20.48 -11.11
N LYS A 452 16.44 -20.87 -9.93
CA LYS A 452 17.26 -20.91 -8.74
C LYS A 452 18.11 -19.65 -8.51
N PHE A 453 17.59 -18.49 -8.92
CA PHE A 453 18.33 -17.26 -8.73
C PHE A 453 17.45 -16.09 -8.29
N ALA A 454 16.34 -15.86 -8.99
CA ALA A 454 15.47 -14.75 -8.65
C ALA A 454 13.98 -15.09 -8.76
N HIS A 455 13.18 -14.38 -7.98
CA HIS A 455 11.74 -14.59 -7.98
C HIS A 455 10.95 -13.34 -7.60
N LEU A 456 10.00 -12.96 -8.45
CA LEU A 456 9.17 -11.80 -8.18
C LEU A 456 7.96 -12.31 -7.42
N ALA A 457 7.84 -11.90 -6.16
CA ALA A 457 6.71 -12.30 -5.33
C ALA A 457 5.64 -11.22 -5.34
N SER A 458 4.39 -11.64 -5.53
CA SER A 458 3.26 -10.72 -5.51
C SER A 458 2.96 -10.40 -4.05
N PHE A 459 2.13 -9.38 -3.82
CA PHE A 459 1.80 -9.04 -2.45
C PHE A 459 1.06 -10.20 -1.78
N GLU A 460 0.17 -10.85 -2.52
CA GLU A 460 -0.59 -11.97 -1.96
C GLU A 460 0.35 -13.10 -1.51
N GLU A 461 1.39 -13.37 -2.29
CA GLU A 461 2.34 -14.40 -1.90
C GLU A 461 3.02 -13.94 -0.61
N ILE A 462 3.41 -12.66 -0.55
CA ILE A 462 4.04 -12.13 0.65
C ILE A 462 3.12 -12.34 1.84
N VAL A 463 1.84 -12.04 1.63
CA VAL A 463 0.82 -12.18 2.66
C VAL A 463 0.66 -13.63 3.12
N GLU A 464 0.68 -14.56 2.18
CA GLU A 464 0.55 -15.97 2.51
C GLU A 464 1.77 -16.51 3.25
N ASN A 465 2.85 -15.73 3.25
CA ASN A 465 4.08 -16.10 3.95
C ASN A 465 4.08 -15.34 5.26
N ASP A 466 2.96 -14.68 5.52
CA ASP A 466 2.77 -13.89 6.73
C ASP A 466 3.81 -12.79 6.85
N TYR A 467 4.13 -12.15 5.74
CA TYR A 467 5.08 -11.05 5.73
C TYR A 467 6.53 -11.42 6.08
N ASN A 468 6.81 -12.72 6.18
CA ASN A 468 8.17 -13.17 6.46
C ASN A 468 8.92 -13.06 5.12
N LEU A 469 10.07 -12.40 5.12
CA LEU A 469 10.81 -12.23 3.87
C LEU A 469 12.06 -13.11 3.75
N ASN A 470 12.13 -14.16 4.57
CA ASN A 470 13.25 -15.09 4.54
C ASN A 470 13.43 -15.55 3.08
N ILE A 471 14.59 -15.26 2.49
CA ILE A 471 14.88 -15.59 1.09
C ILE A 471 14.47 -16.98 0.59
N PRO A 472 14.85 -18.05 1.32
CA PRO A 472 14.51 -19.43 0.94
C PRO A 472 13.02 -19.71 0.71
N ARG A 473 12.16 -18.84 1.25
CA ARG A 473 10.71 -19.00 1.08
C ARG A 473 10.30 -18.59 -0.34
N TYR A 474 11.16 -17.84 -1.01
CA TYR A 474 10.85 -17.33 -2.34
C TYR A 474 11.74 -17.84 -3.47
N VAL A 475 13.02 -18.05 -3.19
CA VAL A 475 13.91 -18.53 -4.22
C VAL A 475 14.36 -19.93 -3.91
N ASP A 476 14.20 -20.79 -4.90
CA ASP A 476 14.58 -22.19 -4.79
C ASP A 476 16.09 -22.31 -4.58
N THR B 7 -44.45 -14.42 -19.56
CA THR B 7 -43.53 -13.25 -19.57
C THR B 7 -43.58 -12.46 -18.25
N SER B 8 -42.41 -12.12 -17.72
CA SER B 8 -42.32 -11.36 -16.48
C SER B 8 -42.87 -9.94 -16.64
N GLN B 9 -42.65 -9.34 -17.80
CA GLN B 9 -43.16 -7.98 -18.05
C GLN B 9 -44.68 -7.99 -18.01
N SER B 10 -45.27 -8.95 -18.72
CA SER B 10 -46.72 -9.06 -18.77
C SER B 10 -47.31 -9.39 -17.39
N LEU B 11 -46.64 -10.27 -16.65
CA LEU B 11 -47.13 -10.63 -15.31
C LEU B 11 -47.05 -9.42 -14.36
N TYR B 12 -45.98 -8.64 -14.46
CA TYR B 12 -45.81 -7.46 -13.64
C TYR B 12 -46.97 -6.48 -13.86
N GLN B 13 -47.23 -6.19 -15.13
CA GLN B 13 -48.31 -5.28 -15.48
C GLN B 13 -49.66 -5.75 -14.91
N ALA B 14 -49.96 -7.03 -15.05
CA ALA B 14 -51.22 -7.58 -14.54
C ALA B 14 -51.27 -7.47 -13.02
N LEU B 15 -50.16 -7.78 -12.35
CA LEU B 15 -50.11 -7.70 -10.90
C LEU B 15 -50.34 -6.25 -10.46
N TRP B 16 -49.66 -5.32 -11.10
CA TRP B 16 -49.79 -3.89 -10.77
C TRP B 16 -51.20 -3.37 -10.99
N ASN B 17 -51.83 -3.82 -12.08
CA ASN B 17 -53.19 -3.38 -12.40
C ASN B 17 -54.22 -3.90 -11.41
N SER B 18 -53.95 -5.04 -10.80
CA SER B 18 -54.87 -5.64 -9.82
C SER B 18 -55.17 -4.69 -8.67
N ALA B 19 -54.28 -3.74 -8.43
CA ALA B 19 -54.48 -2.81 -7.33
C ALA B 19 -55.27 -1.57 -7.72
N ASP B 20 -55.84 -1.57 -8.93
CA ASP B 20 -56.58 -0.39 -9.37
C ASP B 20 -57.64 0.09 -8.38
N VAL B 21 -58.39 -0.82 -7.79
CA VAL B 21 -59.42 -0.44 -6.83
C VAL B 21 -58.82 0.29 -5.61
N LEU B 22 -57.50 0.17 -5.44
CA LEU B 22 -56.83 0.83 -4.33
C LEU B 22 -56.32 2.24 -4.68
N ARG B 23 -55.83 2.40 -5.91
CA ARG B 23 -55.30 3.69 -6.38
C ARG B 23 -56.31 4.81 -6.25
N SER B 24 -57.59 4.45 -6.32
CA SER B 24 -58.68 5.41 -6.23
C SER B 24 -58.87 5.89 -4.81
N LYS B 25 -58.32 5.18 -3.84
CA LYS B 25 -58.51 5.56 -2.45
C LYS B 25 -57.28 6.02 -1.69
N MSE B 26 -56.10 5.63 -2.16
CA MSE B 26 -54.87 6.01 -1.47
C MSE B 26 -53.68 6.04 -2.42
O MSE B 26 -53.76 5.51 -3.52
CB MSE B 26 -54.59 4.99 -0.36
CG MSE B 26 -54.38 3.58 -0.89
SE MSE B 26 -54.57 2.16 0.43
CE MSE B 26 -56.44 1.76 0.16
N ASP B 27 -52.59 6.66 -2.00
CA ASP B 27 -51.40 6.72 -2.83
C ASP B 27 -50.59 5.42 -2.75
N ALA B 28 -49.60 5.30 -3.62
CA ALA B 28 -48.76 4.11 -3.69
C ALA B 28 -48.11 3.70 -2.35
N ASN B 29 -47.65 4.67 -1.56
CA ASN B 29 -47.04 4.33 -0.28
C ASN B 29 -48.03 3.63 0.64
N ASP B 30 -49.31 3.94 0.47
CA ASP B 30 -50.34 3.33 1.29
C ASP B 30 -50.80 1.96 0.84
N TYR B 31 -50.92 1.73 -0.47
CA TYR B 31 -51.38 0.43 -0.93
C TYR B 31 -50.27 -0.57 -1.24
N LYS B 32 -49.03 -0.14 -1.04
CA LYS B 32 -47.87 -0.98 -1.28
C LYS B 32 -47.91 -2.27 -0.45
N SER B 33 -48.17 -2.13 0.85
CA SER B 33 -48.23 -3.28 1.74
C SER B 33 -49.26 -4.31 1.27
N TYR B 34 -50.43 -3.81 0.88
CA TYR B 34 -51.51 -4.69 0.43
C TYR B 34 -51.11 -5.52 -0.77
N LEU B 35 -50.65 -4.85 -1.83
CA LEU B 35 -50.29 -5.56 -3.05
C LEU B 35 -49.10 -6.51 -2.86
N LEU B 36 -48.00 -6.00 -2.32
CA LEU B 36 -46.81 -6.83 -2.12
C LEU B 36 -47.04 -8.01 -1.17
N GLY B 37 -47.84 -7.80 -0.13
CA GLY B 37 -48.12 -8.86 0.82
C GLY B 37 -49.12 -9.86 0.27
N MSE B 38 -50.16 -9.37 -0.39
CA MSE B 38 -51.17 -10.25 -0.95
C MSE B 38 -50.61 -11.10 -2.09
O MSE B 38 -50.97 -12.26 -2.25
CB MSE B 38 -52.41 -9.44 -1.40
CG MSE B 38 -53.22 -8.89 -0.22
SE MSE B 38 -54.64 -7.66 -0.69
CE MSE B 38 -55.85 -8.95 -1.49
N VAL B 39 -49.71 -10.53 -2.91
CA VAL B 39 -49.12 -11.32 -3.98
C VAL B 39 -48.25 -12.40 -3.33
N PHE B 40 -47.58 -12.02 -2.25
CA PHE B 40 -46.73 -12.94 -1.51
C PHE B 40 -47.58 -14.10 -0.97
N TYR B 41 -48.70 -13.77 -0.32
CA TYR B 41 -49.58 -14.81 0.23
C TYR B 41 -50.14 -15.72 -0.86
N LYS B 42 -50.51 -15.12 -1.99
CA LYS B 42 -51.05 -15.87 -3.11
C LYS B 42 -50.01 -16.89 -3.57
N TYR B 43 -48.78 -16.44 -3.74
CA TYR B 43 -47.69 -17.33 -4.16
C TYR B 43 -47.55 -18.51 -3.20
N LEU B 44 -47.50 -18.23 -1.90
CA LEU B 44 -47.38 -19.30 -0.91
C LEU B 44 -48.54 -20.28 -1.03
N SER B 45 -49.75 -19.75 -1.17
CA SER B 45 -50.93 -20.61 -1.29
C SER B 45 -50.94 -21.40 -2.59
N ASP B 46 -50.76 -20.71 -3.72
CA ASP B 46 -50.76 -21.36 -5.03
C ASP B 46 -49.70 -22.45 -5.19
N LYS B 47 -48.50 -22.18 -4.69
CA LYS B 47 -47.40 -23.13 -4.80
C LYS B 47 -47.70 -24.42 -4.04
N MSE B 48 -48.25 -24.29 -2.84
CA MSE B 48 -48.58 -25.42 -2.02
C MSE B 48 -49.65 -26.29 -2.68
O MSE B 48 -49.53 -27.51 -2.70
CB MSE B 48 -49.09 -24.97 -0.65
CG MSE B 48 -49.44 -26.11 0.29
SE MSE B 48 -50.46 -25.57 1.85
CE MSE B 48 -52.19 -25.40 1.00
N LEU B 49 -50.68 -25.66 -3.23
CA LEU B 49 -51.73 -26.42 -3.86
C LEU B 49 -51.23 -27.19 -5.07
N PHE B 50 -50.45 -26.55 -5.93
CA PHE B 50 -49.92 -27.25 -7.09
C PHE B 50 -49.01 -28.39 -6.60
N PHE B 51 -48.28 -28.12 -5.52
CA PHE B 51 -47.38 -29.12 -4.96
C PHE B 51 -48.17 -30.35 -4.48
N VAL B 52 -49.27 -30.11 -3.78
CA VAL B 52 -50.11 -31.20 -3.28
C VAL B 52 -50.63 -32.09 -4.42
N ALA B 53 -51.35 -31.47 -5.36
CA ALA B 53 -51.93 -32.18 -6.49
C ALA B 53 -50.89 -32.99 -7.27
N GLU B 54 -49.70 -32.42 -7.43
CA GLU B 54 -48.64 -33.08 -8.17
C GLU B 54 -48.12 -34.26 -7.36
N THR B 55 -47.92 -34.06 -6.06
CA THR B 55 -47.40 -35.11 -5.19
C THR B 55 -48.40 -36.25 -5.01
N MSE B 56 -49.70 -35.93 -5.04
CA MSE B 56 -50.72 -36.96 -4.89
C MSE B 56 -51.02 -37.58 -6.25
O MSE B 56 -51.97 -38.34 -6.40
CB MSE B 56 -51.98 -36.36 -4.28
CG MSE B 56 -51.79 -35.84 -2.87
SE MSE B 56 -51.20 -37.19 -1.62
CE MSE B 56 -49.29 -36.96 -1.81
N GLU B 57 -50.19 -37.24 -7.24
CA GLU B 57 -50.33 -37.75 -8.60
C GLU B 57 -51.69 -37.43 -9.22
N GLU B 58 -52.07 -36.16 -9.16
CA GLU B 58 -53.34 -35.69 -9.72
C GLU B 58 -53.16 -34.25 -10.19
N GLU B 59 -52.06 -34.00 -10.88
CA GLU B 59 -51.72 -32.68 -11.40
C GLU B 59 -52.86 -32.01 -12.16
N THR B 60 -52.89 -30.68 -12.09
CA THR B 60 -53.88 -29.85 -12.77
C THR B 60 -53.40 -28.42 -12.82
N GLU B 61 -53.91 -27.66 -13.78
CA GLU B 61 -53.54 -26.25 -13.90
C GLU B 61 -54.62 -25.46 -13.18
N SER B 62 -55.65 -26.18 -12.71
CA SER B 62 -56.75 -25.55 -12.00
C SER B 62 -56.51 -25.59 -10.50
N LEU B 63 -56.36 -24.40 -9.92
CA LEU B 63 -56.14 -24.29 -8.49
C LEU B 63 -57.38 -24.75 -7.73
N ASP B 64 -58.54 -24.65 -8.38
CA ASP B 64 -59.78 -25.09 -7.74
C ASP B 64 -59.78 -26.61 -7.58
N GLU B 65 -59.31 -27.31 -8.61
CA GLU B 65 -59.25 -28.76 -8.56
C GLU B 65 -58.14 -29.16 -7.59
N ALA B 66 -57.07 -28.38 -7.58
CA ALA B 66 -55.97 -28.66 -6.67
C ALA B 66 -56.46 -28.55 -5.23
N LEU B 67 -57.28 -27.54 -4.95
CA LEU B 67 -57.82 -27.34 -3.61
C LEU B 67 -58.73 -28.52 -3.22
N ALA B 68 -59.47 -29.04 -4.19
CA ALA B 68 -60.35 -30.18 -3.94
C ALA B 68 -59.52 -31.40 -3.57
N VAL B 69 -58.41 -31.59 -4.28
CA VAL B 69 -57.52 -32.71 -4.00
C VAL B 69 -56.95 -32.57 -2.58
N TYR B 70 -56.46 -31.38 -2.27
CA TYR B 70 -55.90 -31.11 -0.96
C TYR B 70 -56.93 -31.40 0.13
N ARG B 71 -58.16 -30.94 -0.07
CA ARG B 71 -59.21 -31.18 0.93
C ARG B 71 -59.45 -32.67 1.14
N LYS B 72 -59.55 -33.41 0.04
CA LYS B 72 -59.77 -34.85 0.08
C LYS B 72 -58.74 -35.62 0.94
N TYR B 73 -57.46 -35.32 0.76
CA TYR B 73 -56.42 -36.00 1.52
C TYR B 73 -56.26 -35.39 2.91
N TYR B 74 -56.68 -34.15 3.07
CA TYR B 74 -56.58 -33.47 4.36
C TYR B 74 -57.61 -34.07 5.32
N GLU B 75 -58.76 -34.48 4.76
CA GLU B 75 -59.87 -35.05 5.50
C GLU B 75 -59.73 -36.53 5.86
N ASP B 76 -58.90 -37.25 5.12
CA ASP B 76 -58.71 -38.67 5.36
C ASP B 76 -57.69 -38.93 6.46
N GLU B 77 -58.11 -39.61 7.53
CA GLU B 77 -57.22 -39.93 8.64
C GLU B 77 -55.96 -40.65 8.16
N GLU B 78 -56.10 -41.44 7.09
CA GLU B 78 -54.97 -42.22 6.58
C GLU B 78 -53.90 -41.41 5.86
N THR B 79 -54.22 -40.21 5.42
CA THR B 79 -53.26 -39.41 4.68
C THR B 79 -53.04 -38.01 5.26
N HIS B 80 -53.88 -37.64 6.23
CA HIS B 80 -53.79 -36.32 6.84
C HIS B 80 -52.39 -35.89 7.26
N GLU B 81 -51.83 -36.55 8.27
CA GLU B 81 -50.49 -36.22 8.77
C GLU B 81 -49.37 -36.43 7.76
N ASP B 82 -49.47 -37.44 6.91
CA ASP B 82 -48.42 -37.67 5.93
C ASP B 82 -48.44 -36.55 4.90
N LEU B 83 -49.64 -36.07 4.58
CA LEU B 83 -49.78 -34.98 3.61
C LEU B 83 -49.11 -33.72 4.16
N LEU B 84 -49.41 -33.39 5.42
CA LEU B 84 -48.82 -32.22 6.04
C LEU B 84 -47.30 -32.34 6.15
N ALA B 85 -46.81 -33.55 6.42
CA ALA B 85 -45.37 -33.78 6.54
C ALA B 85 -44.66 -33.44 5.23
N VAL B 86 -45.13 -34.02 4.14
CA VAL B 86 -44.54 -33.78 2.83
C VAL B 86 -44.52 -32.29 2.50
N ILE B 87 -45.62 -31.61 2.81
CA ILE B 87 -45.70 -30.18 2.54
C ILE B 87 -44.73 -29.39 3.40
N THR B 88 -44.76 -29.62 4.72
CA THR B 88 -43.86 -28.89 5.61
C THR B 88 -42.40 -29.23 5.32
N ASP B 89 -42.10 -30.47 4.98
CA ASP B 89 -40.72 -30.85 4.66
C ASP B 89 -40.26 -30.06 3.45
N GLU B 90 -41.19 -29.74 2.57
CA GLU B 90 -40.91 -29.02 1.34
C GLU B 90 -40.81 -27.51 1.47
N MSE B 91 -41.72 -26.89 2.23
CA MSE B 91 -41.74 -25.43 2.35
C MSE B 91 -41.89 -24.84 3.77
O MSE B 91 -42.02 -23.62 3.91
CB MSE B 91 -42.84 -24.88 1.43
CG MSE B 91 -44.20 -25.56 1.62
SE MSE B 91 -45.45 -25.29 0.15
CE MSE B 91 -44.85 -26.70 -1.02
N SER B 92 -41.89 -25.69 4.79
CA SER B 92 -42.01 -25.24 6.17
C SER B 92 -43.29 -24.52 6.58
N TYR B 93 -44.39 -24.83 5.92
CA TYR B 93 -45.67 -24.22 6.27
C TYR B 93 -46.73 -25.05 5.61
N ALA B 94 -47.94 -25.01 6.16
CA ALA B 94 -49.06 -25.76 5.62
C ALA B 94 -50.34 -25.00 5.92
N ILE B 95 -50.84 -24.27 4.91
CA ILE B 95 -52.05 -23.48 5.07
C ILE B 95 -53.28 -24.36 5.10
N HIS B 96 -54.20 -24.05 6.01
CA HIS B 96 -55.44 -24.81 6.15
C HIS B 96 -56.21 -24.69 4.82
N PRO B 97 -56.82 -25.79 4.36
CA PRO B 97 -57.57 -25.74 3.10
C PRO B 97 -58.50 -24.52 2.98
N ASP B 98 -59.27 -24.25 4.04
CA ASP B 98 -60.22 -23.14 4.04
C ASP B 98 -59.57 -21.77 4.02
N LEU B 99 -58.28 -21.71 4.29
CA LEU B 99 -57.60 -20.42 4.31
C LEU B 99 -56.71 -20.18 3.10
N THR B 100 -56.71 -21.11 2.15
CA THR B 100 -55.91 -20.93 0.95
C THR B 100 -56.49 -19.75 0.16
N PHE B 101 -55.65 -19.11 -0.64
CA PHE B 101 -56.10 -17.97 -1.43
C PHE B 101 -57.28 -18.40 -2.31
N THR B 102 -57.14 -19.58 -2.92
CA THR B 102 -58.18 -20.16 -3.78
C THR B 102 -59.52 -20.29 -3.05
N ALA B 103 -59.48 -20.79 -1.82
CA ALA B 103 -60.69 -20.97 -1.03
C ALA B 103 -61.33 -19.64 -0.61
N LEU B 104 -60.51 -18.64 -0.32
CA LEU B 104 -61.05 -17.35 0.08
C LEU B 104 -61.72 -16.67 -1.10
N VAL B 105 -61.17 -16.88 -2.29
CA VAL B 105 -61.76 -16.31 -3.49
C VAL B 105 -63.10 -17.00 -3.78
N GLU B 106 -63.16 -18.31 -3.50
CA GLU B 106 -64.40 -19.03 -3.70
C GLU B 106 -65.42 -18.43 -2.74
N ARG B 107 -64.96 -18.04 -1.56
CA ARG B 107 -65.84 -17.41 -0.56
C ARG B 107 -66.34 -16.08 -1.11
N VAL B 108 -65.44 -15.31 -1.71
CA VAL B 108 -65.81 -14.02 -2.27
C VAL B 108 -66.94 -14.25 -3.28
N ASN B 109 -66.72 -15.20 -4.18
CA ASN B 109 -67.72 -15.50 -5.19
C ASN B 109 -69.00 -16.12 -4.60
N ASP B 110 -68.91 -16.72 -3.42
CA ASP B 110 -70.08 -17.31 -2.77
C ASP B 110 -70.81 -16.23 -1.97
N GLY B 111 -70.20 -15.05 -1.88
CA GLY B 111 -70.80 -13.97 -1.13
C GLY B 111 -70.66 -14.17 0.37
N SER B 112 -69.77 -15.08 0.76
CA SER B 112 -69.57 -15.36 2.17
C SER B 112 -68.17 -15.01 2.68
N PHE B 113 -67.39 -14.29 1.88
CA PHE B 113 -66.04 -13.92 2.30
C PHE B 113 -66.05 -12.97 3.49
N GLN B 114 -65.12 -13.20 4.40
CA GLN B 114 -64.99 -12.38 5.60
C GLN B 114 -63.52 -12.01 5.75
N LEU B 115 -63.27 -10.71 5.88
CA LEU B 115 -61.92 -10.17 6.01
C LEU B 115 -61.07 -10.88 7.07
N GLU B 116 -61.71 -11.24 8.18
CA GLU B 116 -60.99 -11.90 9.27
C GLU B 116 -60.38 -13.24 8.84
N ASP B 117 -60.98 -13.89 7.86
CA ASP B 117 -60.44 -15.16 7.39
C ASP B 117 -59.07 -14.97 6.73
N LEU B 118 -58.92 -13.89 5.96
CA LEU B 118 -57.66 -13.60 5.30
C LEU B 118 -56.63 -13.31 6.38
N ALA B 119 -57.04 -12.52 7.38
CA ALA B 119 -56.17 -12.17 8.49
C ALA B 119 -55.70 -13.44 9.19
N GLN B 120 -56.61 -14.37 9.41
CA GLN B 120 -56.25 -15.62 10.06
C GLN B 120 -55.27 -16.38 9.15
N GLY B 121 -55.48 -16.24 7.84
CA GLY B 121 -54.60 -16.89 6.89
C GLY B 121 -53.18 -16.40 7.08
N PHE B 122 -53.02 -15.09 7.21
CA PHE B 122 -51.70 -14.50 7.42
C PHE B 122 -51.11 -15.05 8.72
N ARG B 123 -51.89 -15.00 9.80
CA ARG B 123 -51.43 -15.49 11.08
C ARG B 123 -50.99 -16.94 11.02
N ASP B 124 -51.70 -17.74 10.23
CA ASP B 124 -51.35 -19.15 10.07
C ASP B 124 -49.91 -19.24 9.58
N ILE B 125 -49.63 -18.54 8.48
CA ILE B 125 -48.29 -18.53 7.89
C ILE B 125 -47.22 -18.04 8.88
N GLU B 126 -47.47 -16.92 9.54
CA GLU B 126 -46.52 -16.35 10.48
C GLU B 126 -46.13 -17.27 11.62
N GLN B 127 -47.08 -18.06 12.12
CA GLN B 127 -46.82 -18.97 13.22
C GLN B 127 -46.33 -20.34 12.74
N SER B 128 -46.11 -20.47 11.44
CA SER B 128 -45.66 -21.74 10.88
C SER B 128 -44.15 -21.98 11.05
N ASP B 129 -43.38 -20.90 11.00
CA ASP B 129 -41.93 -21.02 11.12
C ASP B 129 -41.31 -19.64 11.37
N GLU B 130 -40.11 -19.62 11.94
CA GLU B 130 -39.43 -18.37 12.20
C GLU B 130 -39.28 -17.58 10.91
N LEU B 131 -39.13 -18.32 9.80
CA LEU B 131 -38.97 -17.73 8.49
C LEU B 131 -40.10 -16.79 8.07
N TYR B 132 -41.29 -17.01 8.61
CA TYR B 132 -42.44 -16.19 8.26
C TYR B 132 -43.01 -15.27 9.35
N GLU B 133 -42.44 -15.31 10.56
CA GLU B 133 -42.96 -14.48 11.63
C GLU B 133 -42.96 -12.98 11.37
N ASN B 134 -44.11 -12.34 11.61
CA ASN B 134 -44.25 -10.90 11.43
C ASN B 134 -44.26 -10.39 10.00
N LEU B 135 -44.31 -11.27 9.01
CA LEU B 135 -44.29 -10.79 7.63
C LEU B 135 -45.47 -9.95 7.19
N PHE B 136 -46.65 -10.21 7.75
CA PHE B 136 -47.83 -9.47 7.34
C PHE B 136 -48.25 -8.34 8.29
N GLU B 137 -47.36 -7.93 9.18
CA GLU B 137 -47.67 -6.88 10.15
C GLU B 137 -47.98 -5.50 9.57
N ASP B 138 -47.44 -5.19 8.40
CA ASP B 138 -47.67 -3.87 7.79
C ASP B 138 -49.04 -3.77 7.09
N ILE B 139 -49.84 -4.84 7.20
CA ILE B 139 -51.16 -4.89 6.57
C ILE B 139 -52.33 -4.69 7.54
N ASP B 140 -53.13 -3.65 7.35
CA ASP B 140 -54.29 -3.44 8.20
C ASP B 140 -55.50 -3.61 7.28
N LEU B 141 -56.13 -4.78 7.35
CA LEU B 141 -57.28 -5.09 6.51
C LEU B 141 -58.53 -4.31 6.89
N TYR B 142 -58.42 -3.49 7.93
CA TYR B 142 -59.56 -2.70 8.40
C TYR B 142 -59.30 -1.22 8.28
N SER B 143 -58.24 -0.86 7.57
CA SER B 143 -57.87 0.53 7.35
C SER B 143 -59.03 1.29 6.73
N LYS B 144 -59.31 2.46 7.29
CA LYS B 144 -60.40 3.30 6.80
C LYS B 144 -60.17 3.72 5.36
N LYS B 145 -58.95 3.53 4.85
CA LYS B 145 -58.65 3.89 3.47
C LYS B 145 -59.28 2.90 2.52
N LEU B 146 -59.52 1.70 3.01
CA LEU B 146 -60.13 0.65 2.21
C LEU B 146 -61.63 0.88 2.19
N GLY B 147 -62.11 1.65 3.16
CA GLY B 147 -63.53 1.94 3.26
C GLY B 147 -63.92 2.37 4.66
N ALA B 148 -64.97 3.18 4.76
CA ALA B 148 -65.44 3.68 6.04
C ALA B 148 -66.31 2.65 6.78
N THR B 149 -66.82 1.68 6.05
CA THR B 149 -67.66 0.65 6.65
C THR B 149 -67.05 -0.72 6.41
N PRO B 150 -67.42 -1.71 7.24
CA PRO B 150 -66.90 -3.07 7.10
C PRO B 150 -67.23 -3.64 5.73
N GLN B 151 -68.47 -3.41 5.28
CA GLN B 151 -68.92 -3.90 3.98
C GLN B 151 -68.03 -3.37 2.87
N LYS B 152 -67.72 -2.08 2.96
CA LYS B 152 -66.89 -1.41 1.96
C LYS B 152 -65.45 -1.93 1.94
N GLN B 153 -64.87 -2.12 3.13
CA GLN B 153 -63.51 -2.62 3.22
C GLN B 153 -63.43 -4.04 2.66
N ASN B 154 -64.46 -4.82 2.98
CA ASN B 154 -64.55 -6.20 2.50
C ASN B 154 -64.68 -6.18 0.98
N GLN B 155 -65.54 -5.30 0.50
CA GLN B 155 -65.77 -5.14 -0.94
C GLN B 155 -64.46 -4.80 -1.65
N THR B 156 -63.69 -3.88 -1.06
CA THR B 156 -62.43 -3.45 -1.66
C THR B 156 -61.38 -4.56 -1.71
N VAL B 157 -61.15 -5.21 -0.57
CA VAL B 157 -60.17 -6.28 -0.51
C VAL B 157 -60.56 -7.41 -1.46
N ALA B 158 -61.85 -7.71 -1.53
CA ALA B 158 -62.35 -8.77 -2.40
C ALA B 158 -62.03 -8.49 -3.87
N ALA B 159 -62.21 -7.24 -4.29
CA ALA B 159 -61.94 -6.84 -5.66
C ALA B 159 -60.49 -7.09 -6.06
N VAL B 160 -59.57 -6.79 -5.15
CA VAL B 160 -58.17 -7.02 -5.44
C VAL B 160 -57.92 -8.52 -5.59
N MSE B 161 -58.45 -9.30 -4.65
CA MSE B 161 -58.29 -10.75 -4.68
C MSE B 161 -58.80 -11.37 -5.99
O MSE B 161 -58.15 -12.26 -6.54
CB MSE B 161 -59.03 -11.38 -3.50
CG MSE B 161 -58.48 -11.00 -2.15
SE MSE B 161 -59.47 -11.76 -0.67
CE MSE B 161 -60.68 -10.34 -0.35
N LYS B 162 -59.95 -10.90 -6.47
CA LYS B 162 -60.51 -11.44 -7.72
C LYS B 162 -59.61 -11.14 -8.92
N GLU B 163 -59.03 -9.95 -8.95
CA GLU B 163 -58.14 -9.57 -10.05
C GLU B 163 -56.88 -10.42 -9.98
N LEU B 164 -56.44 -10.68 -8.75
CA LEU B 164 -55.23 -11.46 -8.49
C LEU B 164 -55.43 -12.95 -8.76
N ALA B 165 -56.56 -13.47 -8.31
CA ALA B 165 -56.87 -14.88 -8.45
C ALA B 165 -56.60 -15.46 -9.85
N VAL B 166 -56.99 -14.72 -10.88
CA VAL B 166 -56.81 -15.17 -12.25
C VAL B 166 -55.36 -15.27 -12.74
N LEU B 167 -54.44 -14.62 -12.04
CA LEU B 167 -53.04 -14.63 -12.46
C LEU B 167 -52.22 -15.86 -12.09
N ASP B 168 -51.34 -16.26 -13.00
CA ASP B 168 -50.48 -17.41 -12.81
C ASP B 168 -49.17 -16.93 -12.19
N VAL B 169 -48.88 -17.38 -10.96
CA VAL B 169 -47.65 -17.00 -10.28
C VAL B 169 -46.80 -18.19 -9.87
N ALA B 170 -47.45 -19.32 -9.63
CA ALA B 170 -46.74 -20.52 -9.21
C ALA B 170 -46.96 -21.72 -10.13
N GLY B 171 -47.76 -21.53 -11.18
CA GLY B 171 -48.03 -22.62 -12.10
C GLY B 171 -46.88 -22.79 -13.09
N HIS B 172 -46.85 -21.92 -14.09
CA HIS B 172 -45.82 -21.97 -15.12
C HIS B 172 -44.94 -20.72 -15.15
N ALA B 173 -45.25 -19.76 -14.28
CA ALA B 173 -44.50 -18.52 -14.22
C ALA B 173 -43.02 -18.80 -13.97
N GLY B 174 -42.75 -19.63 -12.98
CA GLY B 174 -41.38 -19.97 -12.65
C GLY B 174 -40.60 -18.76 -12.21
N ASP B 175 -39.37 -18.62 -12.71
CA ASP B 175 -38.51 -17.49 -12.36
C ASP B 175 -39.10 -16.15 -12.77
N MSE B 176 -40.12 -16.19 -13.63
CA MSE B 176 -40.76 -14.96 -14.10
C MSE B 176 -41.45 -14.23 -12.96
O MSE B 176 -41.56 -13.01 -12.98
CB MSE B 176 -41.79 -15.25 -15.21
CG MSE B 176 -41.20 -15.86 -16.47
SE MSE B 176 -42.50 -16.01 -17.89
CE MSE B 176 -44.11 -16.20 -16.85
N LEU B 177 -41.89 -14.98 -11.96
CA LEU B 177 -42.55 -14.36 -10.81
C LEU B 177 -41.55 -13.49 -10.06
N GLY B 178 -40.36 -14.03 -9.83
CA GLY B 178 -39.33 -13.27 -9.14
C GLY B 178 -39.08 -11.94 -9.82
N ASP B 179 -38.92 -11.96 -11.14
CA ASP B 179 -38.68 -10.74 -11.88
C ASP B 179 -39.89 -9.81 -11.85
N ALA B 180 -41.08 -10.37 -12.05
CA ALA B 180 -42.28 -9.56 -12.03
C ALA B 180 -42.43 -8.88 -10.67
N TYR B 181 -42.06 -9.59 -9.60
CA TYR B 181 -42.15 -9.04 -8.25
C TYR B 181 -41.12 -7.94 -8.10
N GLU B 182 -39.94 -8.15 -8.64
CA GLU B 182 -38.90 -7.13 -8.57
C GLU B 182 -39.38 -5.87 -9.30
N TYR B 183 -40.08 -6.05 -10.42
CA TYR B 183 -40.61 -4.90 -11.16
C TYR B 183 -41.60 -4.14 -10.29
N LEU B 184 -42.46 -4.88 -9.58
CA LEU B 184 -43.43 -4.24 -8.70
C LEU B 184 -42.72 -3.33 -7.71
N ILE B 185 -41.70 -3.87 -7.06
CA ILE B 185 -40.93 -3.13 -6.08
C ILE B 185 -40.29 -1.90 -6.71
N GLY B 186 -39.78 -2.08 -7.92
CA GLY B 186 -39.16 -0.98 -8.64
C GLY B 186 -40.16 0.14 -8.88
N GLN B 187 -41.36 -0.25 -9.32
CA GLN B 187 -42.41 0.72 -9.59
C GLN B 187 -42.75 1.48 -8.33
N PHE B 188 -42.85 0.80 -7.20
CA PHE B 188 -43.17 1.48 -5.94
C PHE B 188 -42.04 2.41 -5.52
N ALA B 189 -40.83 2.12 -6.00
CA ALA B 189 -39.67 2.94 -5.68
C ALA B 189 -39.78 4.30 -6.36
N THR B 190 -40.23 4.31 -7.60
CA THR B 190 -40.36 5.58 -8.29
C THR B 190 -41.60 6.31 -7.79
N ASP B 191 -42.58 5.57 -7.30
CA ASP B 191 -43.83 6.14 -6.78
C ASP B 191 -43.76 6.51 -5.29
N SER B 192 -42.61 6.95 -4.76
CA SER B 192 -42.53 7.28 -3.31
C SER B 192 -42.20 8.72 -2.88
N GLY B 193 -41.12 9.30 -3.39
CA GLY B 193 -40.83 10.67 -3.00
C GLY B 193 -40.01 10.86 -1.74
N LYS B 194 -39.18 9.87 -1.44
CA LYS B 194 -38.28 9.96 -0.31
C LYS B 194 -37.25 10.90 -0.88
N LYS B 195 -36.47 11.55 -0.02
CA LYS B 195 -35.42 12.42 -0.52
C LYS B 195 -34.13 12.08 0.19
N ALA B 196 -34.18 11.05 1.02
CA ALA B 196 -33.04 10.59 1.77
C ALA B 196 -33.26 9.11 2.04
N GLY B 197 -32.22 8.44 2.51
CA GLY B 197 -32.35 7.03 2.79
C GLY B 197 -31.97 6.14 1.64
N GLU B 198 -32.27 4.86 1.77
CA GLU B 198 -31.89 3.89 0.76
C GLU B 198 -32.77 3.94 -0.50
N PHE B 199 -32.15 4.34 -1.62
CA PHE B 199 -32.86 4.42 -2.89
C PHE B 199 -32.75 3.10 -3.66
N TYR B 200 -33.76 2.81 -4.48
CA TYR B 200 -33.77 1.60 -5.27
C TYR B 200 -32.61 1.68 -6.27
N THR B 201 -31.93 0.57 -6.49
CA THR B 201 -30.81 0.59 -7.43
C THR B 201 -31.32 0.11 -8.78
N PRO B 202 -31.23 0.98 -9.80
CA PRO B 202 -31.68 0.62 -11.15
C PRO B 202 -31.02 -0.65 -11.64
N GLN B 203 -31.83 -1.49 -12.29
CA GLN B 203 -31.39 -2.77 -12.84
C GLN B 203 -30.05 -2.71 -13.55
N PRO B 204 -29.87 -1.75 -14.47
CA PRO B 204 -28.60 -1.63 -15.20
C PRO B 204 -27.40 -1.44 -14.28
N VAL B 205 -27.57 -0.62 -13.25
CA VAL B 205 -26.49 -0.36 -12.30
C VAL B 205 -26.23 -1.62 -11.47
N ALA B 206 -27.32 -2.28 -11.06
CA ALA B 206 -27.24 -3.50 -10.27
C ALA B 206 -26.50 -4.58 -11.04
N LYS B 207 -26.80 -4.69 -12.33
CA LYS B 207 -26.16 -5.69 -13.19
C LYS B 207 -24.64 -5.47 -13.24
N LEU B 208 -24.23 -4.23 -13.49
CA LEU B 208 -22.82 -3.89 -13.57
C LEU B 208 -22.08 -4.29 -12.29
N MSE B 209 -22.58 -3.84 -11.15
CA MSE B 209 -21.95 -4.15 -9.86
C MSE B 209 -21.90 -5.65 -9.58
O MSE B 209 -20.89 -6.16 -9.09
CB MSE B 209 -22.71 -3.44 -8.74
CG MSE B 209 -22.82 -1.94 -8.90
SE MSE B 209 -23.99 -1.13 -7.58
CE MSE B 209 -25.66 -1.68 -8.29
N THR B 210 -22.99 -6.33 -9.89
CA THR B 210 -23.06 -7.76 -9.65
C THR B 210 -22.12 -8.53 -10.56
N GLN B 211 -22.11 -8.17 -11.84
CA GLN B 211 -21.23 -8.85 -12.78
C GLN B 211 -19.77 -8.66 -12.39
N ILE B 212 -19.44 -7.48 -11.87
CA ILE B 212 -18.07 -7.21 -11.46
C ILE B 212 -17.78 -8.06 -10.22
N ALA B 213 -18.69 -8.07 -9.26
CA ALA B 213 -18.51 -8.86 -8.04
C ALA B 213 -18.29 -10.33 -8.37
N PHE B 214 -19.09 -10.89 -9.28
CA PHE B 214 -18.97 -12.30 -9.65
C PHE B 214 -17.99 -12.61 -10.80
N LEU B 215 -17.37 -11.58 -11.37
CA LEU B 215 -16.44 -11.77 -12.49
C LEU B 215 -15.43 -12.91 -12.32
N GLY B 216 -15.49 -13.89 -13.22
CA GLY B 216 -14.57 -15.01 -13.16
C GLY B 216 -14.91 -16.05 -12.11
N ARG B 217 -16.02 -15.86 -11.41
CA ARG B 217 -16.44 -16.81 -10.37
C ARG B 217 -17.91 -17.15 -10.52
N GLU B 218 -18.43 -16.97 -11.73
CA GLU B 218 -19.84 -17.24 -12.02
C GLU B 218 -20.20 -18.71 -11.75
N ASP B 219 -19.20 -19.59 -11.79
CA ASP B 219 -19.43 -21.01 -11.57
C ASP B 219 -19.16 -21.45 -10.14
N LYS B 220 -18.72 -20.54 -9.27
CA LYS B 220 -18.46 -20.93 -7.91
C LYS B 220 -19.74 -21.27 -7.18
N GLN B 221 -19.70 -22.36 -6.41
CA GLN B 221 -20.86 -22.77 -5.62
C GLN B 221 -20.59 -22.36 -4.19
N GLY B 222 -21.60 -21.83 -3.51
CA GLY B 222 -21.40 -21.39 -2.15
C GLY B 222 -20.75 -20.02 -2.08
N PHE B 223 -20.84 -19.26 -3.17
CA PHE B 223 -20.29 -17.91 -3.22
C PHE B 223 -21.03 -17.10 -2.16
N THR B 224 -20.31 -16.41 -1.29
CA THR B 224 -20.97 -15.62 -0.26
C THR B 224 -21.11 -14.15 -0.69
N LEU B 225 -22.33 -13.63 -0.56
CA LEU B 225 -22.65 -12.26 -0.98
C LEU B 225 -23.26 -11.45 0.17
N TYR B 226 -22.68 -10.28 0.43
CA TYR B 226 -23.10 -9.42 1.54
C TYR B 226 -23.53 -8.00 1.17
N ASP B 227 -24.67 -7.56 1.71
CA ASP B 227 -25.14 -6.19 1.50
C ASP B 227 -25.60 -5.67 2.86
N ALA B 228 -24.78 -4.81 3.47
CA ALA B 228 -25.08 -4.25 4.79
C ALA B 228 -26.14 -3.17 4.82
N THR B 229 -26.66 -2.81 3.65
CA THR B 229 -27.72 -1.80 3.53
C THR B 229 -28.58 -2.32 2.38
N MSE B 230 -29.08 -3.53 2.55
CA MSE B 230 -29.85 -4.22 1.51
C MSE B 230 -31.20 -3.67 1.06
O MSE B 230 -31.59 -3.92 -0.08
CB MSE B 230 -30.00 -5.70 1.88
CG MSE B 230 -31.21 -6.03 2.74
SE MSE B 230 -31.49 -7.94 2.99
CE MSE B 230 -31.14 -8.54 1.21
N GLY B 231 -31.90 -2.96 1.93
CA GLY B 231 -33.21 -2.45 1.54
C GLY B 231 -34.13 -3.62 1.23
N SER B 232 -34.74 -3.59 0.05
CA SER B 232 -35.66 -4.65 -0.38
C SER B 232 -34.95 -5.92 -0.85
N GLY B 233 -33.62 -5.94 -0.75
CA GLY B 233 -32.86 -7.11 -1.17
C GLY B 233 -32.71 -7.24 -2.67
N SER B 234 -33.24 -6.27 -3.40
CA SER B 234 -33.21 -6.27 -4.86
C SER B 234 -31.82 -6.31 -5.48
N LEU B 235 -30.88 -5.58 -4.88
CA LEU B 235 -29.52 -5.54 -5.39
C LEU B 235 -28.86 -6.90 -5.20
N LEU B 236 -29.03 -7.49 -4.02
CA LEU B 236 -28.45 -8.80 -3.73
C LEU B 236 -28.97 -9.89 -4.67
N LEU B 237 -30.28 -9.88 -4.92
CA LEU B 237 -30.92 -10.91 -5.74
C LEU B 237 -30.57 -10.90 -7.24
N ASN B 238 -29.72 -9.97 -7.64
CA ASN B 238 -29.26 -9.91 -9.02
C ASN B 238 -28.32 -11.10 -9.23
N ALA B 239 -27.82 -11.62 -8.11
CA ALA B 239 -26.90 -12.75 -8.12
C ALA B 239 -27.57 -13.98 -8.72
N LYS B 240 -28.89 -14.04 -8.61
CA LYS B 240 -29.64 -15.18 -9.13
C LYS B 240 -29.51 -15.22 -10.65
N ARG B 241 -29.42 -14.04 -11.24
CA ARG B 241 -29.30 -13.90 -12.68
C ARG B 241 -27.87 -14.00 -13.20
N TYR B 242 -26.92 -13.45 -12.45
CA TYR B 242 -25.53 -13.43 -12.90
C TYR B 242 -24.56 -14.50 -12.39
N SER B 243 -25.05 -15.39 -11.54
CA SER B 243 -24.25 -16.49 -11.05
C SER B 243 -24.79 -17.69 -11.80
N ARG B 244 -23.93 -18.64 -12.16
CA ARG B 244 -24.41 -19.83 -12.85
C ARG B 244 -24.74 -20.90 -11.81
N GLN B 245 -24.57 -20.54 -10.54
CA GLN B 245 -24.86 -21.44 -9.42
C GLN B 245 -25.73 -20.66 -8.42
N PRO B 246 -26.85 -20.10 -8.91
CA PRO B 246 -27.76 -19.31 -8.07
C PRO B 246 -28.35 -20.01 -6.85
N GLN B 247 -28.60 -21.31 -6.95
CA GLN B 247 -29.20 -22.00 -5.82
C GLN B 247 -28.22 -22.35 -4.70
N THR B 248 -26.94 -22.02 -4.89
CA THR B 248 -25.95 -22.27 -3.86
C THR B 248 -25.35 -20.96 -3.35
N VAL B 249 -25.77 -19.85 -3.94
CA VAL B 249 -25.31 -18.52 -3.53
C VAL B 249 -25.81 -18.29 -2.09
N VAL B 250 -24.92 -17.89 -1.21
CA VAL B 250 -25.30 -17.66 0.19
C VAL B 250 -25.42 -16.17 0.48
N TYR B 251 -26.66 -15.74 0.77
CA TYR B 251 -26.96 -14.34 1.01
C TYR B 251 -26.88 -13.86 2.45
N PHE B 252 -26.18 -12.75 2.67
CA PHE B 252 -26.07 -12.13 3.98
C PHE B 252 -26.48 -10.68 3.76
N GLY B 253 -27.57 -10.25 4.39
CA GLY B 253 -28.02 -8.90 4.20
C GLY B 253 -28.60 -8.28 5.46
N GLN B 254 -28.40 -6.97 5.60
CA GLN B 254 -28.87 -6.26 6.78
C GLN B 254 -29.68 -5.03 6.37
N GLU B 255 -30.75 -4.76 7.09
CA GLU B 255 -31.62 -3.62 6.80
C GLU B 255 -32.20 -3.08 8.11
N LEU B 256 -32.14 -1.76 8.27
CA LEU B 256 -32.62 -1.10 9.47
C LEU B 256 -34.14 -0.98 9.54
N ASN B 257 -34.76 -0.59 8.44
CA ASN B 257 -36.21 -0.44 8.41
C ASN B 257 -36.88 -1.80 8.41
N THR B 258 -37.62 -2.09 9.48
CA THR B 258 -38.31 -3.36 9.65
C THR B 258 -39.30 -3.67 8.51
N SER B 259 -40.06 -2.66 8.11
CA SER B 259 -41.03 -2.84 7.04
C SER B 259 -40.31 -3.26 5.75
N THR B 260 -39.20 -2.59 5.46
CA THR B 260 -38.41 -2.90 4.28
C THR B 260 -37.73 -4.27 4.45
N TYR B 261 -37.40 -4.58 5.69
CA TYR B 261 -36.77 -5.85 6.05
C TYR B 261 -37.69 -6.99 5.65
N ASN B 262 -38.95 -6.85 6.02
CA ASN B 262 -39.96 -7.85 5.71
C ASN B 262 -40.12 -8.00 4.19
N LEU B 263 -40.10 -6.89 3.46
CA LEU B 263 -40.23 -6.98 2.00
C LEU B 263 -39.10 -7.81 1.45
N ALA B 264 -37.89 -7.57 1.97
CA ALA B 264 -36.70 -8.30 1.54
C ALA B 264 -36.87 -9.79 1.80
N ARG B 265 -37.39 -10.15 2.96
CA ARG B 265 -37.62 -11.55 3.28
C ARG B 265 -38.58 -12.14 2.24
N MSE B 266 -39.65 -11.40 1.92
CA MSE B 266 -40.61 -11.87 0.92
C MSE B 266 -39.92 -11.98 -0.44
O MSE B 266 -40.08 -12.97 -1.15
CB MSE B 266 -41.77 -10.88 0.78
CG MSE B 266 -42.69 -10.79 1.97
SE MSE B 266 -44.10 -9.52 1.62
CE MSE B 266 -44.83 -9.45 3.41
N ASN B 267 -39.16 -10.95 -0.79
CA ASN B 267 -38.44 -10.91 -2.06
C ASN B 267 -37.52 -12.12 -2.21
N MSE B 268 -36.80 -12.45 -1.16
CA MSE B 268 -35.89 -13.60 -1.18
C MSE B 268 -36.67 -14.89 -1.46
O MSE B 268 -36.29 -15.68 -2.32
CB MSE B 268 -35.18 -13.73 0.18
CG MSE B 268 -34.06 -12.73 0.39
SE MSE B 268 -32.35 -13.40 -0.22
CE MSE B 268 -31.65 -13.91 1.50
N ILE B 269 -37.76 -15.09 -0.71
CA ILE B 269 -38.60 -16.27 -0.88
C ILE B 269 -39.21 -16.34 -2.27
N LEU B 270 -39.64 -15.21 -2.81
CA LEU B 270 -40.23 -15.20 -4.15
C LEU B 270 -39.20 -15.41 -5.25
N HIS B 271 -37.92 -15.36 -4.88
CA HIS B 271 -36.86 -15.57 -5.86
C HIS B 271 -36.33 -16.99 -5.72
N GLY B 272 -37.02 -17.78 -4.89
CA GLY B 272 -36.64 -19.16 -4.68
C GLY B 272 -35.33 -19.43 -4.00
N VAL B 273 -34.89 -18.50 -3.16
CA VAL B 273 -33.63 -18.69 -2.45
C VAL B 273 -33.86 -19.70 -1.32
N PRO B 274 -33.12 -20.81 -1.32
CA PRO B 274 -33.27 -21.85 -0.29
C PRO B 274 -33.14 -21.27 1.12
N ILE B 275 -34.00 -21.73 2.02
CA ILE B 275 -34.01 -21.27 3.39
C ILE B 275 -32.65 -21.24 4.07
N GLU B 276 -31.81 -22.22 3.79
CA GLU B 276 -30.49 -22.27 4.41
C GLU B 276 -29.46 -21.35 3.75
N ASN B 277 -29.84 -20.66 2.68
CA ASN B 277 -28.90 -19.76 2.00
C ASN B 277 -29.24 -18.31 2.29
N GLN B 278 -30.13 -18.10 3.25
CA GLN B 278 -30.56 -16.76 3.62
C GLN B 278 -30.17 -16.38 5.04
N PHE B 279 -29.42 -15.29 5.18
CA PHE B 279 -29.04 -14.80 6.49
C PHE B 279 -29.32 -13.30 6.52
N LEU B 280 -30.58 -12.97 6.87
CA LEU B 280 -31.06 -11.59 6.92
C LEU B 280 -31.11 -11.06 8.35
N HIS B 281 -30.69 -9.81 8.51
CA HIS B 281 -30.65 -9.21 9.82
C HIS B 281 -31.28 -7.82 9.81
N ASN B 282 -32.08 -7.55 10.83
CA ASN B 282 -32.77 -6.26 10.96
C ASN B 282 -32.11 -5.42 12.08
N ALA B 283 -31.23 -4.50 11.69
CA ALA B 283 -30.53 -3.65 12.65
C ALA B 283 -29.78 -2.49 11.98
N ASP B 284 -29.20 -1.62 12.80
CA ASP B 284 -28.45 -0.48 12.29
C ASP B 284 -27.05 -0.98 11.91
N THR B 285 -26.69 -0.81 10.63
CA THR B 285 -25.40 -1.28 10.16
C THR B 285 -24.16 -0.65 10.80
N LEU B 286 -24.24 0.62 11.19
CA LEU B 286 -23.09 1.28 11.80
C LEU B 286 -23.01 1.17 13.33
N ASP B 287 -24.16 1.15 13.99
CA ASP B 287 -24.21 1.07 15.45
C ASP B 287 -23.77 -0.22 16.10
N GLU B 288 -23.59 -1.27 15.31
CA GLU B 288 -23.15 -2.55 15.86
C GLU B 288 -22.78 -3.44 14.69
N ASP B 289 -21.59 -4.01 14.73
CA ASP B 289 -21.14 -4.84 13.63
C ASP B 289 -21.82 -6.21 13.56
N TRP B 290 -22.27 -6.56 12.35
CA TRP B 290 -22.91 -7.85 12.08
C TRP B 290 -22.47 -8.27 10.68
N PRO B 291 -22.14 -9.55 10.49
CA PRO B 291 -22.18 -10.59 11.52
C PRO B 291 -20.89 -10.57 12.34
N THR B 292 -20.95 -11.02 13.59
CA THR B 292 -19.77 -11.08 14.43
C THR B 292 -19.28 -12.51 14.48
N GLN B 293 -20.17 -13.45 14.21
CA GLN B 293 -19.80 -14.85 14.23
C GLN B 293 -19.48 -15.34 12.83
N GLU B 294 -18.34 -16.01 12.70
CA GLU B 294 -17.90 -16.52 11.41
C GLU B 294 -19.02 -17.25 10.69
N PRO B 295 -19.07 -17.11 9.35
CA PRO B 295 -18.10 -16.30 8.60
C PRO B 295 -18.43 -14.81 8.66
N THR B 296 -17.40 -13.96 8.76
CA THR B 296 -17.61 -12.51 8.82
C THR B 296 -17.03 -11.84 7.57
N ASN B 297 -16.34 -12.60 6.74
CA ASN B 297 -15.76 -12.06 5.50
C ASN B 297 -16.42 -12.79 4.34
N PHE B 298 -16.70 -12.07 3.27
CA PHE B 298 -17.41 -12.66 2.14
C PHE B 298 -16.76 -12.47 0.77
N ASP B 299 -17.11 -13.35 -0.16
CA ASP B 299 -16.57 -13.29 -1.52
C ASP B 299 -16.91 -12.00 -2.21
N GLY B 300 -18.12 -11.51 -1.96
CA GLY B 300 -18.52 -10.27 -2.59
C GLY B 300 -19.34 -9.40 -1.68
N VAL B 301 -19.24 -8.09 -1.88
CA VAL B 301 -20.00 -7.11 -1.13
C VAL B 301 -20.61 -6.15 -2.14
N LEU B 302 -21.92 -5.94 -2.05
CA LEU B 302 -22.66 -5.05 -2.93
C LEU B 302 -23.45 -4.09 -2.07
N MSE B 303 -23.24 -2.78 -2.23
CA MSE B 303 -23.95 -1.83 -1.40
C MSE B 303 -24.35 -0.51 -2.04
O MSE B 303 -23.60 0.07 -2.84
CB MSE B 303 -23.12 -1.51 -0.15
CG MSE B 303 -23.09 -2.62 0.88
SE MSE B 303 -21.81 -2.28 2.29
CE MSE B 303 -22.47 -0.56 2.92
N ASN B 304 -25.54 -0.04 -1.69
CA ASN B 304 -26.05 1.24 -2.12
C ASN B 304 -26.60 1.81 -0.81
N PRO B 305 -25.70 2.31 0.05
CA PRO B 305 -26.07 2.87 1.34
C PRO B 305 -27.04 4.05 1.33
N PRO B 306 -27.61 4.38 2.50
CA PRO B 306 -28.55 5.49 2.62
C PRO B 306 -27.95 6.76 2.03
N TYR B 307 -28.75 7.49 1.27
CA TYR B 307 -28.30 8.73 0.66
C TYR B 307 -28.28 9.88 1.67
N SER B 308 -27.14 10.55 1.75
CA SER B 308 -26.97 11.70 2.63
C SER B 308 -27.38 11.45 4.07
N ALA B 309 -26.90 10.36 4.65
CA ALA B 309 -27.22 10.04 6.02
C ALA B 309 -26.16 10.57 6.97
N LYS B 310 -26.53 10.68 8.24
CA LYS B 310 -25.63 11.14 9.27
C LYS B 310 -25.47 9.96 10.21
N TRP B 311 -24.49 10.01 11.09
CA TRP B 311 -24.28 8.93 12.05
C TRP B 311 -23.62 9.51 13.30
N SER B 312 -23.57 8.72 14.37
CA SER B 312 -23.00 9.15 15.64
C SER B 312 -21.56 9.64 15.59
N ALA B 313 -20.70 8.86 14.96
CA ALA B 313 -19.27 9.19 14.89
C ALA B 313 -18.75 9.41 16.31
N SER B 314 -19.25 8.60 17.26
CA SER B 314 -18.81 8.69 18.65
C SER B 314 -17.33 8.34 18.72
N SER B 315 -16.59 9.04 19.57
CA SER B 315 -15.15 8.82 19.70
C SER B 315 -14.78 7.36 19.89
N GLY B 316 -15.69 6.59 20.47
CA GLY B 316 -15.43 5.18 20.69
C GLY B 316 -15.24 4.36 19.42
N PHE B 317 -15.75 4.85 18.30
CA PHE B 317 -15.58 4.13 17.04
C PHE B 317 -14.13 4.05 16.57
N MSE B 318 -13.28 4.94 17.10
CA MSE B 318 -11.88 4.90 16.71
C MSE B 318 -11.16 3.70 17.29
O MSE B 318 -9.98 3.48 17.01
CB MSE B 318 -11.16 6.20 17.10
CG MSE B 318 -11.25 7.28 16.00
SE MSE B 318 -10.63 6.61 14.27
CE MSE B 318 -8.73 6.60 14.62
N ASP B 319 -11.87 2.92 18.10
CA ASP B 319 -11.32 1.70 18.68
C ASP B 319 -12.04 0.51 18.02
N ASP B 320 -12.87 0.81 17.02
CA ASP B 320 -13.62 -0.20 16.27
C ASP B 320 -12.77 -0.60 15.07
N PRO B 321 -12.49 -1.90 14.92
CA PRO B 321 -11.67 -2.47 13.84
C PRO B 321 -12.06 -1.98 12.45
N ARG B 322 -13.32 -1.61 12.28
CA ARG B 322 -13.81 -1.14 11.00
C ARG B 322 -13.30 0.26 10.65
N PHE B 323 -13.10 1.07 11.68
CA PHE B 323 -12.70 2.45 11.45
C PHE B 323 -11.33 2.89 11.94
N SER B 324 -10.82 2.24 12.97
CA SER B 324 -9.51 2.61 13.55
C SER B 324 -8.30 2.63 12.60
N PRO B 325 -8.30 1.79 11.56
CA PRO B 325 -7.11 1.85 10.70
C PRO B 325 -7.07 3.04 9.76
N PHE B 326 -8.08 3.91 9.79
CA PHE B 326 -8.09 5.00 8.82
C PHE B 326 -7.88 6.45 9.24
N GLY B 327 -7.07 6.64 10.28
CA GLY B 327 -6.77 7.98 10.75
C GLY B 327 -7.87 8.71 11.49
N LYS B 328 -8.97 8.98 10.81
CA LYS B 328 -10.09 9.69 11.41
C LYS B 328 -11.42 9.05 11.08
N LEU B 329 -12.45 9.39 11.86
CA LEU B 329 -13.79 8.85 11.63
C LEU B 329 -14.48 9.65 10.54
N ALA B 330 -15.46 9.05 9.88
CA ALA B 330 -16.20 9.77 8.85
C ALA B 330 -16.94 10.89 9.60
N PRO B 331 -17.14 12.04 8.95
CA PRO B 331 -17.85 13.16 9.61
C PRO B 331 -19.23 12.74 10.07
N LYS B 332 -19.68 13.32 11.18
CA LYS B 332 -21.01 13.00 11.73
C LYS B 332 -22.10 13.25 10.68
N SER B 333 -21.92 14.31 9.91
CA SER B 333 -22.89 14.72 8.89
C SER B 333 -22.79 13.98 7.56
N LYS B 334 -21.73 13.22 7.36
CA LYS B 334 -21.54 12.47 6.11
C LYS B 334 -21.13 11.04 6.44
N ALA B 335 -22.12 10.15 6.52
CA ALA B 335 -21.85 8.76 6.86
C ALA B 335 -21.31 7.91 5.71
N ASP B 336 -21.30 8.46 4.50
CA ASP B 336 -20.81 7.76 3.31
C ASP B 336 -19.62 6.83 3.56
N PHE B 337 -18.49 7.40 3.99
CA PHE B 337 -17.31 6.59 4.22
C PHE B 337 -17.45 5.55 5.33
N ALA B 338 -18.28 5.82 6.33
CA ALA B 338 -18.45 4.83 7.41
C ALA B 338 -19.10 3.58 6.81
N PHE B 339 -20.06 3.78 5.91
CA PHE B 339 -20.72 2.64 5.27
C PHE B 339 -19.74 1.87 4.41
N LEU B 340 -18.91 2.60 3.67
CA LEU B 340 -17.92 1.97 2.80
C LEU B 340 -16.89 1.18 3.60
N LEU B 341 -16.35 1.77 4.65
CA LEU B 341 -15.36 1.07 5.47
C LEU B 341 -16.00 -0.14 6.13
N HIS B 342 -17.28 -0.05 6.47
CA HIS B 342 -17.97 -1.18 7.08
C HIS B 342 -17.95 -2.35 6.11
N GLY B 343 -18.44 -2.12 4.89
CA GLY B 343 -18.46 -3.17 3.89
C GLY B 343 -17.07 -3.72 3.59
N TYR B 344 -16.09 -2.82 3.49
CA TYR B 344 -14.72 -3.21 3.21
C TYR B 344 -14.22 -4.15 4.32
N TYR B 345 -14.54 -3.82 5.57
CA TYR B 345 -14.12 -4.64 6.69
C TYR B 345 -14.62 -6.07 6.53
N HIS B 346 -15.74 -6.24 5.84
CA HIS B 346 -16.32 -7.56 5.65
C HIS B 346 -16.00 -8.22 4.31
N LEU B 347 -15.02 -7.68 3.58
CA LEU B 347 -14.64 -8.26 2.31
C LEU B 347 -13.49 -9.24 2.49
N LYS B 348 -13.59 -10.43 1.89
CA LYS B 348 -12.53 -11.41 1.99
C LYS B 348 -11.27 -10.87 1.31
N GLN B 349 -10.14 -10.90 2.00
CA GLN B 349 -8.91 -10.38 1.40
C GLN B 349 -8.48 -11.31 0.28
N ASP B 350 -9.03 -12.51 0.28
CA ASP B 350 -8.71 -13.51 -0.74
C ASP B 350 -9.72 -13.51 -1.89
N ASN B 351 -9.42 -12.79 -2.95
CA ASN B 351 -10.29 -12.75 -4.13
C ASN B 351 -11.57 -11.93 -3.93
N GLY B 352 -11.75 -11.38 -2.73
CA GLY B 352 -12.95 -10.61 -2.45
C GLY B 352 -13.11 -9.39 -3.34
N VAL B 353 -14.32 -9.17 -3.83
CA VAL B 353 -14.58 -8.01 -4.69
C VAL B 353 -15.77 -7.25 -4.15
N MSE B 354 -15.59 -5.96 -3.92
CA MSE B 354 -16.66 -5.12 -3.40
C MSE B 354 -17.06 -4.03 -4.39
O MSE B 354 -16.22 -3.43 -5.05
CB MSE B 354 -16.23 -4.47 -2.09
CG MSE B 354 -17.21 -3.44 -1.54
SE MSE B 354 -16.66 -2.77 0.19
CE MSE B 354 -17.91 -1.29 0.36
N ALA B 355 -18.37 -3.80 -4.51
CA ALA B 355 -18.87 -2.76 -5.39
C ALA B 355 -19.85 -1.93 -4.57
N ILE B 356 -19.66 -0.61 -4.55
CA ILE B 356 -20.53 0.26 -3.78
C ILE B 356 -20.86 1.52 -4.59
N VAL B 357 -22.14 1.90 -4.62
CA VAL B 357 -22.55 3.08 -5.36
C VAL B 357 -22.88 4.23 -4.41
N LEU B 358 -22.23 5.37 -4.64
CA LEU B 358 -22.37 6.57 -3.81
C LEU B 358 -22.26 7.84 -4.63
N PRO B 359 -22.45 9.00 -3.99
CA PRO B 359 -22.36 10.31 -4.63
C PRO B 359 -20.86 10.58 -4.82
N HIS B 360 -20.50 11.55 -5.65
CA HIS B 360 -19.09 11.86 -5.91
C HIS B 360 -18.30 12.34 -4.68
N GLY B 361 -19.01 12.91 -3.73
CA GLY B 361 -18.39 13.44 -2.51
C GLY B 361 -17.14 12.79 -1.94
N VAL B 362 -17.23 11.50 -1.62
CA VAL B 362 -16.10 10.78 -1.04
C VAL B 362 -14.84 10.80 -1.89
N LEU B 363 -14.98 11.13 -3.17
CA LEU B 363 -13.84 11.17 -4.07
C LEU B 363 -13.00 12.45 -3.92
N PHE B 364 -13.65 13.57 -3.60
CA PHE B 364 -12.94 14.83 -3.50
C PHE B 364 -12.97 15.63 -2.20
N ARG B 365 -13.94 15.41 -1.31
CA ARG B 365 -13.97 16.18 -0.07
C ARG B 365 -12.70 16.02 0.76
N GLY B 366 -12.32 17.09 1.45
CA GLY B 366 -11.11 17.06 2.25
C GLY B 366 -11.36 16.77 3.70
N ASN B 367 -10.42 17.18 4.55
CA ASN B 367 -10.51 16.89 5.98
C ASN B 367 -10.67 15.40 6.22
N ALA B 368 -11.35 15.05 7.31
CA ALA B 368 -11.57 13.65 7.65
C ALA B 368 -11.75 12.67 6.48
N GLU B 369 -12.62 12.99 5.54
CA GLU B 369 -12.84 12.11 4.41
C GLU B 369 -11.58 12.01 3.55
N GLY B 370 -10.83 13.10 3.47
CA GLY B 370 -9.59 13.10 2.71
C GLY B 370 -8.60 12.15 3.35
N THR B 371 -8.52 12.20 4.68
CA THR B 371 -7.61 11.33 5.42
C THR B 371 -7.96 9.86 5.22
N ILE B 372 -9.25 9.56 5.22
CA ILE B 372 -9.71 8.20 5.03
C ILE B 372 -9.39 7.72 3.61
N ARG B 373 -9.69 8.56 2.63
CA ARG B 373 -9.45 8.23 1.23
C ARG B 373 -7.97 7.90 1.01
N LYS B 374 -7.11 8.72 1.60
CA LYS B 374 -5.68 8.55 1.47
C LYS B 374 -5.22 7.21 2.03
N ALA B 375 -5.67 6.88 3.23
CA ALA B 375 -5.29 5.61 3.86
C ALA B 375 -5.79 4.42 3.05
N LEU B 376 -6.94 4.59 2.42
CA LEU B 376 -7.53 3.55 1.59
C LEU B 376 -6.63 3.32 0.36
N LEU B 377 -6.24 4.42 -0.28
CA LEU B 377 -5.39 4.36 -1.48
C LEU B 377 -3.99 3.80 -1.23
N GLU B 378 -3.41 4.11 -0.07
CA GLU B 378 -2.07 3.63 0.26
C GLU B 378 -2.13 2.11 0.42
N GLU B 379 -3.35 1.61 0.59
CA GLU B 379 -3.62 0.17 0.75
C GLU B 379 -3.99 -0.46 -0.60
N GLY B 380 -4.22 0.39 -1.61
CA GLY B 380 -4.61 -0.12 -2.91
C GLY B 380 -6.04 -0.64 -2.82
N ALA B 381 -6.78 -0.16 -1.82
CA ALA B 381 -8.15 -0.59 -1.58
C ALA B 381 -9.10 -0.22 -2.72
N ILE B 382 -8.87 0.95 -3.33
CA ILE B 382 -9.72 1.39 -4.44
C ILE B 382 -9.13 0.96 -5.78
N ASP B 383 -9.78 -0.03 -6.37
CA ASP B 383 -9.41 -0.66 -7.63
C ASP B 383 -9.90 0.10 -8.85
N THR B 384 -11.18 0.44 -8.86
CA THR B 384 -11.76 1.14 -9.99
C THR B 384 -12.79 2.17 -9.54
N VAL B 385 -12.81 3.32 -10.22
CA VAL B 385 -13.77 4.38 -9.94
C VAL B 385 -14.55 4.62 -11.23
N ILE B 386 -15.85 4.36 -11.19
CA ILE B 386 -16.70 4.55 -12.36
C ILE B 386 -17.69 5.70 -12.16
N GLY B 387 -17.71 6.62 -13.12
CA GLY B 387 -18.61 7.75 -13.05
C GLY B 387 -19.89 7.43 -13.81
N LEU B 388 -21.01 7.41 -13.11
CA LEU B 388 -22.29 7.10 -13.75
C LEU B 388 -23.01 8.34 -14.23
N PRO B 389 -23.90 8.19 -15.23
CA PRO B 389 -24.66 9.31 -15.76
C PRO B 389 -25.52 9.95 -14.69
N ALA B 390 -25.82 11.22 -14.86
CA ALA B 390 -26.67 11.92 -13.91
C ALA B 390 -28.10 11.45 -14.16
N ASN B 391 -28.98 11.75 -13.22
CA ASN B 391 -30.39 11.41 -13.32
C ASN B 391 -30.69 9.93 -13.59
N ILE B 392 -29.93 9.05 -12.94
CA ILE B 392 -30.12 7.61 -13.09
C ILE B 392 -31.07 7.05 -12.01
N PHE B 393 -30.93 7.56 -10.79
CA PHE B 393 -31.76 7.11 -9.69
C PHE B 393 -33.06 7.88 -9.70
N PHE B 394 -34.10 7.31 -9.09
CA PHE B 394 -35.41 7.93 -9.07
C PHE B 394 -35.56 9.06 -8.04
N ASN B 395 -34.91 8.93 -6.89
CA ASN B 395 -35.05 9.91 -5.82
C ASN B 395 -34.12 11.10 -5.80
N THR B 396 -33.14 11.12 -6.70
CA THR B 396 -32.21 12.23 -6.80
C THR B 396 -31.69 12.23 -8.22
N SER B 397 -31.32 13.39 -8.74
CA SER B 397 -30.83 13.47 -10.11
C SER B 397 -29.31 13.57 -10.22
N ILE B 398 -28.62 13.49 -9.08
CA ILE B 398 -27.17 13.62 -9.08
C ILE B 398 -26.43 12.50 -9.80
N PRO B 399 -25.25 12.81 -10.33
CA PRO B 399 -24.52 11.74 -11.00
C PRO B 399 -23.93 10.99 -9.81
N THR B 400 -23.63 9.71 -9.96
CA THR B 400 -23.06 8.95 -8.85
C THR B 400 -21.79 8.25 -9.31
N THR B 401 -21.18 7.50 -8.40
CA THR B 401 -20.00 6.74 -8.73
C THR B 401 -20.08 5.34 -8.14
N VAL B 402 -19.61 4.38 -8.91
CA VAL B 402 -19.57 3.00 -8.46
C VAL B 402 -18.09 2.76 -8.15
N ILE B 403 -17.79 2.38 -6.91
CA ILE B 403 -16.40 2.15 -6.53
C ILE B 403 -16.19 0.66 -6.30
N ILE B 404 -15.15 0.12 -6.92
CA ILE B 404 -14.82 -1.29 -6.78
C ILE B 404 -13.63 -1.39 -5.85
N LEU B 405 -13.77 -2.17 -4.78
CA LEU B 405 -12.68 -2.30 -3.83
C LEU B 405 -12.20 -3.75 -3.71
N LYS B 406 -10.88 -3.91 -3.57
CA LYS B 406 -10.27 -5.23 -3.44
C LYS B 406 -9.12 -5.12 -2.45
N LYS B 407 -8.85 -6.21 -1.72
CA LYS B 407 -7.77 -6.21 -0.75
C LYS B 407 -6.52 -6.93 -1.26
N ASN B 408 -5.41 -6.67 -0.59
CA ASN B 408 -4.12 -7.30 -0.92
C ASN B 408 -3.69 -7.26 -2.38
N ARG B 409 -4.03 -6.19 -3.09
CA ARG B 409 -3.64 -6.06 -4.49
C ARG B 409 -2.15 -5.79 -4.57
N THR B 410 -1.54 -6.21 -5.67
CA THR B 410 -0.12 -5.97 -5.89
C THR B 410 -0.01 -4.54 -6.43
N ASN B 411 -0.84 -4.23 -7.42
CA ASN B 411 -0.85 -2.88 -7.99
C ASN B 411 -1.75 -1.96 -7.20
N ARG B 412 -1.23 -0.79 -6.86
CA ARG B 412 -1.98 0.23 -6.11
C ARG B 412 -2.48 1.29 -7.08
N ASP B 413 -2.77 0.88 -8.31
CA ASP B 413 -3.27 1.84 -9.29
C ASP B 413 -4.79 1.90 -9.20
N VAL B 414 -5.36 2.96 -9.78
CA VAL B 414 -6.80 3.14 -9.80
C VAL B 414 -7.24 3.33 -11.24
N TYR B 415 -8.21 2.53 -11.66
CA TYR B 415 -8.72 2.65 -13.02
C TYR B 415 -9.98 3.51 -13.01
N PHE B 416 -9.94 4.61 -13.77
CA PHE B 416 -11.09 5.51 -13.84
C PHE B 416 -11.89 5.30 -15.13
N ILE B 417 -13.21 5.28 -14.98
CA ILE B 417 -14.10 5.13 -16.12
C ILE B 417 -15.17 6.20 -16.03
N ASP B 418 -15.17 7.12 -16.98
CA ASP B 418 -16.18 8.18 -16.99
C ASP B 418 -17.27 7.76 -17.95
N ALA B 419 -18.35 7.19 -17.40
CA ALA B 419 -19.46 6.74 -18.21
C ALA B 419 -20.67 7.66 -18.03
N SER B 420 -20.41 8.94 -17.74
CA SER B 420 -21.49 9.88 -17.53
C SER B 420 -22.29 10.19 -18.79
N LYS B 421 -21.79 9.77 -19.95
CA LYS B 421 -22.51 10.01 -21.20
C LYS B 421 -23.06 8.72 -21.78
N GLU B 422 -22.98 7.65 -20.99
CA GLU B 422 -23.45 6.34 -21.43
C GLU B 422 -24.91 6.14 -21.06
N PHE B 423 -25.80 6.87 -21.75
CA PHE B 423 -27.22 6.76 -21.46
C PHE B 423 -28.07 7.28 -22.61
N ASP B 424 -29.36 6.91 -22.54
CA ASP B 424 -30.36 7.38 -23.49
C ASP B 424 -31.30 8.21 -22.62
N LYS B 425 -31.72 9.35 -23.14
CA LYS B 425 -32.58 10.25 -22.39
C LYS B 425 -34.04 9.82 -22.36
N GLY B 426 -34.53 9.54 -21.16
CA GLY B 426 -35.91 9.14 -20.97
C GLY B 426 -36.73 10.37 -20.63
N LYS B 427 -37.99 10.21 -20.25
CA LYS B 427 -38.82 11.37 -19.93
C LYS B 427 -38.41 12.04 -18.61
N ASN B 428 -38.22 11.25 -17.56
CA ASN B 428 -37.85 11.80 -16.26
C ASN B 428 -36.55 11.22 -15.71
N GLN B 429 -36.03 10.20 -16.40
CA GLN B 429 -34.79 9.55 -15.97
C GLN B 429 -33.90 9.32 -17.18
N ASN B 430 -32.62 9.11 -16.91
CA ASN B 430 -31.70 8.78 -17.98
C ASN B 430 -31.65 7.27 -17.91
N ILE B 431 -31.57 6.62 -19.06
CA ILE B 431 -31.58 5.16 -19.10
C ILE B 431 -30.26 4.57 -19.59
N MSE B 432 -29.81 3.51 -18.95
CA MSE B 432 -28.58 2.83 -19.34
C MSE B 432 -28.97 1.47 -19.91
O MSE B 432 -29.69 0.71 -19.25
CB MSE B 432 -27.64 2.62 -18.15
CG MSE B 432 -27.29 3.89 -17.38
SE MSE B 432 -25.75 3.65 -16.23
CE MSE B 432 -26.28 2.00 -15.37
N THR B 433 -28.49 1.16 -21.11
CA THR B 433 -28.80 -0.08 -21.79
C THR B 433 -27.75 -1.16 -21.55
N ASP B 434 -28.07 -2.40 -21.95
CA ASP B 434 -27.15 -3.51 -21.80
C ASP B 434 -25.85 -3.23 -22.54
N ALA B 435 -25.95 -2.52 -23.67
CA ALA B 435 -24.77 -2.18 -24.44
C ALA B 435 -23.88 -1.22 -23.64
N HIS B 436 -24.50 -0.24 -22.99
CA HIS B 436 -23.76 0.72 -22.16
C HIS B 436 -22.99 0.00 -21.06
N ILE B 437 -23.67 -0.90 -20.37
CA ILE B 437 -23.08 -1.66 -19.28
C ILE B 437 -21.95 -2.56 -19.76
N GLU B 438 -22.16 -3.23 -20.89
CA GLU B 438 -21.13 -4.12 -21.43
C GLU B 438 -19.88 -3.32 -21.79
N LYS B 439 -20.09 -2.11 -22.29
CA LYS B 439 -18.97 -1.25 -22.64
C LYS B 439 -18.13 -0.97 -21.41
N ILE B 440 -18.79 -0.60 -20.31
CA ILE B 440 -18.11 -0.32 -19.05
C ILE B 440 -17.42 -1.57 -18.52
N LEU B 441 -18.12 -2.70 -18.57
CA LEU B 441 -17.57 -3.98 -18.10
C LEU B 441 -16.30 -4.35 -18.86
N ASN B 442 -16.36 -4.24 -20.19
CA ASN B 442 -15.21 -4.57 -21.03
C ASN B 442 -14.01 -3.72 -20.66
N ALA B 443 -14.23 -2.44 -20.40
CA ALA B 443 -13.15 -1.54 -20.04
C ALA B 443 -12.56 -1.98 -18.70
N TYR B 444 -13.43 -2.27 -17.75
CA TYR B 444 -13.02 -2.72 -16.41
C TYR B 444 -12.16 -3.97 -16.51
N LYS B 445 -12.56 -4.91 -17.37
CA LYS B 445 -11.82 -6.16 -17.56
C LYS B 445 -10.42 -5.90 -18.11
N SER B 446 -10.25 -4.81 -18.84
CA SER B 446 -8.96 -4.52 -19.45
C SER B 446 -8.03 -3.56 -18.71
N ARG B 447 -8.60 -2.59 -18.02
CA ARG B 447 -7.81 -1.59 -17.31
C ARG B 447 -6.89 -0.89 -18.30
N GLU B 448 -7.38 -0.71 -19.53
CA GLU B 448 -6.61 -0.05 -20.58
C GLU B 448 -7.16 1.36 -20.79
N ASP B 449 -6.30 2.31 -21.13
CA ASP B 449 -6.78 3.66 -21.36
C ASP B 449 -7.66 3.64 -22.59
N ILE B 450 -8.77 4.37 -22.55
CA ILE B 450 -9.69 4.44 -23.67
C ILE B 450 -9.98 5.89 -23.98
N ASP B 451 -9.86 6.24 -25.26
CA ASP B 451 -10.09 7.60 -25.72
C ASP B 451 -11.26 8.28 -25.01
N LYS B 452 -10.94 9.31 -24.22
CA LYS B 452 -11.91 10.13 -23.48
C LYS B 452 -12.97 9.32 -22.72
N PHE B 453 -12.61 8.14 -22.23
CA PHE B 453 -13.54 7.30 -21.48
C PHE B 453 -12.90 6.69 -20.22
N ALA B 454 -11.71 6.12 -20.38
CA ALA B 454 -11.04 5.48 -19.25
C ALA B 454 -9.55 5.79 -19.15
N HIS B 455 -9.04 5.78 -17.92
CA HIS B 455 -7.63 6.04 -17.68
C HIS B 455 -7.12 5.29 -16.45
N LEU B 456 -6.05 4.52 -16.63
CA LEU B 456 -5.46 3.78 -15.55
C LEU B 456 -4.42 4.69 -14.92
N ALA B 457 -4.69 5.11 -13.68
CA ALA B 457 -3.79 6.01 -12.96
C ALA B 457 -2.79 5.27 -12.08
N SER B 458 -1.51 5.63 -12.21
CA SER B 458 -0.47 5.03 -11.40
C SER B 458 -0.59 5.62 -9.99
N PHE B 459 0.00 4.95 -9.01
CA PHE B 459 -0.06 5.45 -7.65
C PHE B 459 0.58 6.84 -7.59
N GLU B 460 1.66 7.03 -8.35
CA GLU B 460 2.36 8.31 -8.40
C GLU B 460 1.44 9.41 -8.91
N GLU B 461 0.59 9.07 -9.87
CA GLU B 461 -0.33 10.06 -10.40
C GLU B 461 -1.34 10.44 -9.31
N ILE B 462 -1.72 9.46 -8.50
CA ILE B 462 -2.67 9.72 -7.42
C ILE B 462 -2.05 10.70 -6.44
N VAL B 463 -0.79 10.44 -6.08
CA VAL B 463 -0.05 11.29 -5.16
C VAL B 463 0.07 12.73 -5.66
N GLU B 464 0.36 12.89 -6.95
CA GLU B 464 0.50 14.22 -7.54
C GLU B 464 -0.82 14.99 -7.54
N ASN B 465 -1.92 14.29 -7.31
CA ASN B 465 -3.24 14.91 -7.25
C ASN B 465 -3.67 15.03 -5.79
N ASP B 466 -2.70 14.81 -4.90
CA ASP B 466 -2.90 14.83 -3.46
C ASP B 466 -4.02 13.90 -3.01
N TYR B 467 -4.10 12.74 -3.66
CA TYR B 467 -5.09 11.73 -3.31
C TYR B 467 -6.53 12.11 -3.60
N ASN B 468 -6.73 13.14 -4.41
CA ASN B 468 -8.06 13.58 -4.78
C ASN B 468 -8.45 12.69 -5.96
N LEU B 469 -9.60 12.00 -5.85
CA LEU B 469 -10.04 11.10 -6.91
C LEU B 469 -11.13 11.64 -7.84
N ASN B 470 -11.27 12.96 -7.87
CA ASN B 470 -12.26 13.60 -8.74
C ASN B 470 -12.01 13.11 -10.18
N ILE B 471 -12.98 12.42 -10.74
CA ILE B 471 -12.88 11.85 -12.08
C ILE B 471 -12.30 12.73 -13.20
N PRO B 472 -12.74 14.00 -13.29
CA PRO B 472 -12.21 14.87 -14.36
C PRO B 472 -10.68 15.06 -14.33
N ARG B 473 -10.04 14.82 -13.19
CA ARG B 473 -8.59 14.97 -13.07
C ARG B 473 -7.86 13.85 -13.80
N TYR B 474 -8.59 12.76 -14.08
CA TYR B 474 -8.01 11.58 -14.70
C TYR B 474 -8.51 11.23 -16.11
N VAL B 475 -9.76 11.52 -16.40
CA VAL B 475 -10.28 11.23 -17.71
C VAL B 475 -10.78 12.48 -18.38
N ASP B 476 -10.13 12.87 -19.47
CA ASP B 476 -10.55 14.06 -20.18
C ASP B 476 -11.77 13.68 -21.02
N THR B 477 -12.87 14.38 -20.77
CA THR B 477 -14.08 14.13 -21.53
C THR B 477 -14.28 15.47 -22.27
N PHE B 478 -14.09 15.43 -23.59
CA PHE B 478 -14.18 16.64 -24.41
C PHE B 478 -14.96 16.50 -25.71
#